data_9IVD
#
_entry.id   9IVD
#
_cell.length_a   1.00
_cell.length_b   1.00
_cell.length_c   1.00
_cell.angle_alpha   90.00
_cell.angle_beta   90.00
_cell.angle_gamma   90.00
#
_symmetry.space_group_name_H-M   'P 1'
#
loop_
_entity.id
_entity.type
_entity.pdbx_description
1 polymer 'G1/S-specific cyclin-D1'
2 polymer 'Activating molecule in BECN1-regulated autophagy protein 1'
3 polymer 'DNA damage-binding protein 1'
#
loop_
_entity_poly.entity_id
_entity_poly.type
_entity_poly.pdbx_seq_one_letter_code
_entity_poly.pdbx_strand_id
1 'polypeptide(L)'
;MEHQLLCCEVETIRRAYPDANLLNDRVLRAMLKAEETCAPSVSYFKCVQKEVLPSMRKIVATWMLEVCEEQKCEEEVFPL
AMNYLDRFLSLEPVKKSRLQLLGATCMFVASKMKETIPLTAEKLCIYTDNSIRPEELLQMELLLVNKLKWNLAAMTPHDF
IEHFLSKMPEAEENKQIIRKHAQTFVALCATDVKFISNPPSMVAAGSVVAAVQGLNLRSPNNFLSYYRLTRFLSRVIKCD
PDCLRACQEQIEALLESSLRQAQQNMDPKAAEEEEEEEEEVDLAC(TPO)PTDVRDVDI
;
E
2 'polypeptide(L)'
;MKVVPEKNAVRILWGRERGARAMGAQRLLQELVEDKTRWMKWEGKRVELPDSPRSTFLLAFSPDRTLLASTHVNHNIYIT
EVKTGKCVHSLIGHRRTPWCVTFHPTISGLIASGCLDGEVRIWDLHGGSESWFTDSNNAIASLAFHPTAQLLLIATANEI
HFWDWSRREPFAVVKTASEMERVRLVRFDPLGHYLLTAIVNPSNSNIANTTYRLQWWDFTKFDLPEISNASVNVLVQNCK
IYNDASCDISADGQLLAAFIPSSQRGFPDEGILAVYSLAPHNLGEMLYTKRFGPNAISVSLSPMGRYVMVGLASRRILLH
PSTEHMVAQVFRLQQAHGGETSMRRVFNVLYPMPADQRRHVSINSARWLPEPGLGLAYGTNKGDLVICRPEALNSG
;
B
3 'polypeptide(L)'
;MSYNYVVTAQKPTAVNGCVTGHFTSAEDLNLLIAKNTRLEIYVVTAEGLRPVKEVGMYGKIAVMELFRPKGESKDLLFIL
TAKYNACILEYKQSGESIDIITRAHGNVQDRIGRPSETGIIGIIDPECRMIGLRLYDGLFKVIPLDRDNKELKAFNIRLE
ELHVIDVKFLYGCQAPTICFVYQDPQGRHVKTYEVSLREKEFNKGPWKQENVEAEASMVIAVPEPFGGAIIIGQESITYH
NGDKYLAIAPPIIKQSTIVCHNRVDPNGSRYLLGDMEGRLFMLLLEKEEQMDGTVTLKDLRVELLGETSIAECLTYLDNG
VVFVGSRLGDSQLVKLNVDSNEQGSYVVAMETFTNLGPIVDMCVVDLERQGQGQLVTCSGAFKEGSLRIIRNGIGIHEHA
SIDLPGIKGLWPLRSDPNRETDDTLVLSFVGQTRVLMLNGEEVEETELMGFVDDQQTFFCGNVAHQQLIQITSASVRLVS
QEPKALVSEWKEPQAKNISVASCNSSQVVVAVGRALYYLQIHPQELRQISHTEMEHEVACLDITPLGDSNGLSPLCAIGL
WTDISARILKLPSFELLHKEMLGGEIIPRSILMTTFESSHYLLCALGDGALFYFGLNIETGLLSDRKKVTLGTQPTVLRT
FRSLSTTNVFACSDRPTVIYSSNHKLVFSNVNLKEVNYMCPLNSDGYPDSLALANNSTLTIGTIDEIQKLHIRTVPLYES
PRKICYQEVSQCFGVLSSRIEVQDTSGGTTALRPSASTQALSSSVSSSKLFSSSTAPHETSFGEEVEVHNLLIIDQHTFE
VLHAHQFLQNEYALSLVSCKLGKDPNTYFIVGTAMVYPEEAEPKQGRIVVFQYSDGKLQTVAEKEVKGAVYSMVEFNGKL
LASINSTVRLYEWTTEKELRTECNHYNNIMALYLKTKGDFILVGDLMRSVLLLAYKPMEGNFEEIARDFNPNWMSAVEIL
DDDNFLGAENAFNLFVCQKDSAATTDEERQHLQEVGLFHLGEFVNVFCHGSLVMQNLGETSTPTQGSVLFGTVNGMIGLV
TSLSESWYNLLLDMQNRLNKVIKSVGKIEHSFWRSFHTERKTEPATGFIDGDLIESFLDISRPKMQEVVANLQYDDGSGM
KREATADDLIKVVEELTRIH
;
A
#
# COMPACT_ATOMS: atom_id res chain seq x y z
N CYS A 285 -39.85 -18.67 28.21
CA CYS A 285 -38.45 -18.89 28.53
C CYS A 285 -37.69 -19.41 27.31
N TPO A 286 -36.91 -18.53 26.69
CA TPO A 286 -36.14 -18.89 25.51
CB TPO A 286 -35.86 -17.65 24.67
CG2 TPO A 286 -35.16 -18.05 23.36
OG1 TPO A 286 -37.10 -17.01 24.38
P TPO A 286 -36.99 -15.51 24.95
O1P TPO A 286 -37.78 -14.60 24.10
O2P TPO A 286 -37.55 -15.47 26.46
O3P TPO A 286 -35.45 -15.04 24.93
C TPO A 286 -34.83 -19.57 25.90
O TPO A 286 -34.06 -19.02 26.68
N PRO A 287 -34.59 -20.78 25.38
CA PRO A 287 -33.40 -21.60 25.68
C PRO A 287 -32.09 -20.85 25.43
N THR A 288 -31.08 -21.14 26.24
CA THR A 288 -29.80 -20.45 26.20
C THR A 288 -28.84 -21.05 25.18
N ASP A 289 -29.18 -22.17 24.56
CA ASP A 289 -28.32 -22.82 23.59
C ASP A 289 -28.97 -22.66 22.22
N VAL A 290 -28.14 -22.54 21.17
CA VAL A 290 -28.64 -22.26 19.84
C VAL A 290 -29.24 -23.48 19.16
N ARG A 291 -29.05 -24.67 19.71
CA ARG A 291 -29.47 -25.90 19.06
C ARG A 291 -30.85 -26.39 19.52
N ASP A 292 -31.52 -25.62 20.38
CA ASP A 292 -32.82 -26.06 20.86
C ASP A 292 -33.83 -24.91 20.91
N VAL A 293 -33.55 -23.81 20.22
CA VAL A 293 -34.52 -22.73 20.06
C VAL A 293 -35.15 -22.90 18.68
N ASP A 294 -36.48 -22.85 18.66
CA ASP A 294 -37.20 -22.93 17.39
C ASP A 294 -37.24 -21.57 16.70
N ILE A 295 -37.42 -21.59 15.39
CA ILE A 295 -37.44 -20.38 14.57
C ILE A 295 -37.98 -20.69 13.18
N VAL B 4 8.51 -16.61 -9.97
CA VAL B 4 8.42 -16.34 -8.54
C VAL B 4 8.62 -14.85 -8.26
N PRO B 5 7.66 -14.22 -7.59
CA PRO B 5 7.77 -12.80 -7.24
C PRO B 5 8.43 -12.59 -5.87
N GLU B 6 9.60 -13.20 -5.68
CA GLU B 6 10.40 -13.10 -4.47
C GLU B 6 9.72 -13.78 -3.29
N LYS B 7 10.51 -14.33 -2.37
CA LYS B 7 9.98 -14.99 -1.18
C LYS B 7 10.66 -14.59 0.12
N ASN B 8 11.76 -13.85 0.08
CA ASN B 8 12.48 -13.49 1.29
C ASN B 8 12.17 -12.06 1.70
N ALA B 9 11.92 -11.87 3.00
CA ALA B 9 11.59 -10.55 3.50
C ALA B 9 12.74 -9.57 3.36
N VAL B 10 13.99 -10.07 3.41
CA VAL B 10 15.15 -9.19 3.30
C VAL B 10 15.18 -8.50 1.94
N ARG B 11 14.91 -9.25 0.87
CA ARG B 11 14.87 -8.67 -0.47
C ARG B 11 13.55 -7.95 -0.75
N ILE B 12 12.54 -8.14 0.08
CA ILE B 12 11.29 -7.39 -0.08
C ILE B 12 11.39 -6.01 0.54
N LEU B 13 11.94 -5.91 1.75
CA LEU B 13 12.15 -4.60 2.36
C LEU B 13 13.15 -3.79 1.56
N TRP B 14 14.18 -4.43 1.01
CA TRP B 14 15.15 -3.73 0.17
C TRP B 14 14.48 -3.12 -1.05
N GLY B 15 13.60 -3.88 -1.70
CA GLY B 15 12.86 -3.33 -2.83
C GLY B 15 11.91 -2.23 -2.43
N ARG B 16 11.27 -2.37 -1.26
CA ARG B 16 10.34 -1.35 -0.79
C ARG B 16 11.06 -0.04 -0.51
N GLU B 17 12.28 -0.12 0.02
CA GLU B 17 13.01 1.09 0.40
C GLU B 17 13.32 1.98 -0.79
N ARG B 18 13.44 1.39 -1.99
CA ARG B 18 13.81 2.14 -3.18
C ARG B 18 12.64 2.27 -4.16
N GLY B 19 11.42 2.08 -3.66
CA GLY B 19 10.23 2.29 -4.47
C GLY B 19 10.12 1.37 -5.67
N ALA B 20 9.94 0.07 -5.44
CA ALA B 20 9.78 -0.90 -6.51
C ALA B 20 8.31 -1.18 -6.80
N ARG B 21 7.55 -1.56 -5.79
CA ARG B 21 6.11 -1.83 -5.86
C ARG B 21 5.77 -2.92 -6.87
N ALA B 22 6.73 -3.77 -7.23
CA ALA B 22 6.49 -4.84 -8.18
C ALA B 22 5.81 -6.02 -7.49
N MET B 23 4.76 -6.54 -8.12
CA MET B 23 4.04 -7.71 -7.63
C MET B 23 3.42 -7.47 -6.26
N GLY B 24 2.89 -8.53 -5.64
CA GLY B 24 2.24 -8.39 -4.35
C GLY B 24 3.19 -8.44 -3.18
N ALA B 25 3.97 -7.37 -2.99
CA ALA B 25 4.87 -7.31 -1.85
C ALA B 25 4.10 -7.24 -0.53
N GLN B 26 3.08 -6.38 -0.48
CA GLN B 26 2.27 -6.28 0.73
C GLN B 26 1.52 -7.57 1.01
N ARG B 27 0.99 -8.21 -0.04
CA ARG B 27 0.31 -9.49 0.15
C ARG B 27 1.27 -10.54 0.69
N LEU B 28 2.50 -10.59 0.17
CA LEU B 28 3.47 -11.55 0.66
C LEU B 28 3.85 -11.27 2.11
N LEU B 29 3.99 -9.99 2.47
CA LEU B 29 4.30 -9.64 3.86
C LEU B 29 3.17 -10.05 4.79
N GLN B 30 1.92 -9.83 4.37
CA GLN B 30 0.79 -10.25 5.19
C GLN B 30 0.74 -11.76 5.33
N GLU B 31 1.01 -12.48 4.24
CA GLU B 31 1.05 -13.94 4.32
C GLU B 31 2.13 -14.41 5.27
N LEU B 32 3.29 -13.74 5.26
CA LEU B 32 4.35 -14.09 6.19
C LEU B 32 3.94 -13.83 7.63
N VAL B 33 3.32 -12.67 7.90
CA VAL B 33 2.93 -12.35 9.26
C VAL B 33 1.80 -13.25 9.74
N GLU B 34 1.01 -13.82 8.83
CA GLU B 34 0.00 -14.80 9.23
C GLU B 34 0.57 -16.20 9.36
N ASP B 35 1.60 -16.54 8.60
CA ASP B 35 2.32 -17.78 8.84
C ASP B 35 3.00 -17.75 10.21
N LYS B 36 3.45 -16.58 10.62
CA LYS B 36 3.87 -16.37 12.00
C LYS B 36 2.60 -16.32 12.87
N THR B 37 2.79 -16.03 14.17
CA THR B 37 1.70 -16.10 15.15
C THR B 37 1.06 -17.48 15.18
N ARG B 38 1.83 -18.50 14.81
CA ARG B 38 1.39 -19.89 14.83
C ARG B 38 2.07 -20.72 15.92
N TRP B 39 3.29 -20.37 16.30
CA TRP B 39 4.00 -21.03 17.37
C TRP B 39 3.95 -20.24 18.68
N MET B 40 3.09 -19.24 18.75
CA MET B 40 2.99 -18.35 19.91
C MET B 40 1.85 -18.81 20.80
N LYS B 41 1.65 -18.06 21.89
CA LYS B 41 0.63 -18.38 22.88
C LYS B 41 -0.41 -17.27 22.91
N TRP B 42 -1.61 -17.61 23.38
CA TRP B 42 -2.74 -16.70 23.38
C TRP B 42 -3.30 -16.55 24.79
N GLU B 43 -3.68 -15.33 25.13
CA GLU B 43 -4.27 -15.01 26.42
C GLU B 43 -5.60 -14.32 26.20
N GLY B 44 -6.59 -14.68 27.02
CA GLY B 44 -7.93 -14.16 26.89
C GLY B 44 -8.20 -13.02 27.85
N LYS B 45 -8.59 -11.87 27.30
CA LYS B 45 -8.98 -10.73 28.10
C LYS B 45 -10.50 -10.57 28.03
N ARG B 46 -11.14 -10.50 29.19
CA ARG B 46 -12.59 -10.43 29.25
C ARG B 46 -13.08 -9.01 29.02
N VAL B 47 -14.38 -8.88 28.80
CA VAL B 47 -15.04 -7.60 28.57
C VAL B 47 -16.11 -7.40 29.64
N GLU B 48 -16.11 -6.22 30.25
CA GLU B 48 -17.08 -5.89 31.30
C GLU B 48 -18.28 -5.23 30.65
N LEU B 49 -19.43 -5.91 30.71
CA LEU B 49 -20.65 -5.40 30.12
C LEU B 49 -21.50 -4.71 31.19
N PRO B 50 -22.28 -3.69 30.80
CA PRO B 50 -23.05 -2.92 31.79
C PRO B 50 -24.00 -3.78 32.61
N ASP B 51 -24.93 -4.46 31.94
CA ASP B 51 -25.89 -5.32 32.61
C ASP B 51 -25.32 -6.73 32.71
N SER B 52 -26.17 -7.70 33.07
CA SER B 52 -25.74 -9.09 33.20
C SER B 52 -26.40 -9.95 32.13
N PRO B 53 -25.78 -10.12 30.97
CA PRO B 53 -26.33 -11.04 29.97
C PRO B 53 -25.91 -12.47 30.24
N ARG B 54 -26.87 -13.38 30.13
CA ARG B 54 -26.65 -14.79 30.43
C ARG B 54 -26.23 -15.61 29.22
N SER B 55 -26.16 -15.00 28.04
CA SER B 55 -25.68 -15.71 26.85
C SER B 55 -25.38 -14.71 25.75
N THR B 56 -24.52 -15.12 24.81
CA THR B 56 -24.21 -14.35 23.63
C THR B 56 -24.40 -15.24 22.41
N PHE B 57 -24.90 -14.65 21.31
CA PHE B 57 -25.29 -15.42 20.14
C PHE B 57 -24.43 -15.13 18.92
N LEU B 58 -24.35 -13.88 18.48
CA LEU B 58 -23.70 -13.54 17.23
C LEU B 58 -22.75 -12.38 17.41
N LEU B 59 -21.75 -12.31 16.54
CA LEU B 59 -20.78 -11.22 16.52
C LEU B 59 -20.63 -10.70 15.10
N ALA B 60 -20.40 -9.39 15.00
CA ALA B 60 -20.15 -8.75 13.71
C ALA B 60 -19.26 -7.54 13.97
N PHE B 61 -18.59 -7.08 12.92
CA PHE B 61 -17.59 -6.03 13.06
C PHE B 61 -18.02 -4.74 12.38
N SER B 62 -17.18 -3.72 12.57
CA SER B 62 -17.41 -2.40 12.02
C SER B 62 -17.21 -2.41 10.51
N PRO B 63 -17.75 -1.41 9.80
CA PRO B 63 -17.51 -1.38 8.38
C PRO B 63 -16.07 -1.15 7.90
N ASP B 64 -15.19 -0.40 8.59
CA ASP B 64 -13.80 -0.52 8.19
C ASP B 64 -13.13 -1.67 8.93
N ARG B 65 -12.72 -1.46 10.19
CA ARG B 65 -12.20 -2.56 11.00
C ARG B 65 -12.32 -2.41 12.51
N THR B 66 -12.89 -1.31 13.02
CA THR B 66 -12.53 -0.83 14.35
C THR B 66 -13.64 -0.93 15.42
N LEU B 67 -14.68 -1.71 15.20
CA LEU B 67 -15.73 -1.88 16.21
C LEU B 67 -16.27 -3.30 16.14
N LEU B 68 -16.86 -3.75 17.25
CA LEU B 68 -17.42 -5.09 17.35
C LEU B 68 -18.80 -5.02 17.99
N ALA B 69 -19.77 -5.68 17.39
CA ALA B 69 -21.13 -5.75 17.91
C ALA B 69 -21.36 -7.09 18.59
N SER B 70 -22.45 -7.16 19.36
CA SER B 70 -22.76 -8.38 20.11
C SER B 70 -24.25 -8.40 20.44
N THR B 71 -24.85 -9.57 20.37
CA THR B 71 -26.24 -9.78 20.77
C THR B 71 -26.30 -10.64 22.03
N HIS B 72 -27.41 -10.52 22.75
CA HIS B 72 -27.58 -11.23 24.00
C HIS B 72 -29.04 -11.61 24.18
N VAL B 73 -29.28 -12.63 25.01
CA VAL B 73 -30.63 -13.06 25.31
C VAL B 73 -31.39 -12.01 26.10
N ASN B 74 -30.69 -11.07 26.73
CA ASN B 74 -31.32 -10.04 27.54
C ASN B 74 -32.10 -9.02 26.72
N HIS B 75 -32.30 -9.25 25.43
CA HIS B 75 -33.09 -8.38 24.55
C HIS B 75 -32.44 -7.01 24.37
N ASN B 76 -31.13 -7.00 24.09
CA ASN B 76 -30.44 -5.77 23.76
C ASN B 76 -29.16 -6.11 23.02
N ILE B 77 -28.55 -5.09 22.42
CA ILE B 77 -27.34 -5.23 21.62
C ILE B 77 -26.26 -4.33 22.20
N TYR B 78 -25.09 -4.90 22.44
CA TYR B 78 -23.96 -4.18 23.00
C TYR B 78 -22.87 -4.00 21.95
N ILE B 79 -22.27 -2.82 21.90
CA ILE B 79 -21.19 -2.51 20.99
C ILE B 79 -19.98 -2.09 21.81
N THR B 80 -18.85 -2.76 21.59
CA THR B 80 -17.61 -2.49 22.30
C THR B 80 -16.57 -1.96 21.32
N GLU B 81 -15.36 -1.74 21.83
CA GLU B 81 -14.23 -1.25 21.04
C GLU B 81 -13.12 -2.29 21.06
N VAL B 82 -12.59 -2.58 19.87
CA VAL B 82 -11.58 -3.63 19.74
C VAL B 82 -10.27 -3.20 20.38
N LYS B 83 -9.84 -1.95 20.16
CA LYS B 83 -8.52 -1.53 20.61
C LYS B 83 -8.39 -1.56 22.12
N THR B 84 -9.40 -1.06 22.83
CA THR B 84 -9.37 -1.01 24.30
C THR B 84 -10.07 -2.22 24.93
N GLY B 85 -11.36 -2.40 24.64
CA GLY B 85 -12.10 -3.49 25.23
C GLY B 85 -13.17 -3.03 26.20
N LYS B 86 -13.73 -1.85 25.97
CA LYS B 86 -14.80 -1.30 26.81
C LYS B 86 -16.01 -1.00 25.95
N CYS B 87 -17.20 -1.30 26.49
CA CYS B 87 -18.43 -0.94 25.81
C CYS B 87 -18.56 0.58 25.73
N VAL B 88 -19.15 1.06 24.63
CA VAL B 88 -19.23 2.50 24.41
C VAL B 88 -20.69 2.88 24.19
N HIS B 89 -21.49 1.94 23.70
CA HIS B 89 -22.92 2.16 23.52
C HIS B 89 -23.69 0.96 24.03
N SER B 90 -24.94 1.21 24.42
CA SER B 90 -25.87 0.17 24.85
C SER B 90 -27.22 0.46 24.18
N LEU B 91 -27.56 -0.32 23.16
CA LEU B 91 -28.66 0.01 22.28
C LEU B 91 -30.00 0.03 22.99
N ILE B 92 -30.47 -1.15 23.44
CA ILE B 92 -31.72 -1.31 24.18
C ILE B 92 -32.93 -0.95 23.33
N GLY B 93 -33.98 -1.76 23.40
CA GLY B 93 -35.22 -1.41 22.73
C GLY B 93 -36.02 -2.57 22.16
N HIS B 94 -35.39 -3.73 21.99
CA HIS B 94 -36.10 -4.88 21.47
C HIS B 94 -36.98 -5.50 22.56
N ARG B 95 -37.94 -6.31 22.11
CA ARG B 95 -38.84 -7.02 23.01
C ARG B 95 -38.34 -8.41 23.39
N ARG B 96 -37.79 -9.15 22.43
CA ARG B 96 -37.17 -10.44 22.71
C ARG B 96 -35.78 -10.46 22.09
N THR B 97 -35.13 -11.62 22.16
CA THR B 97 -33.75 -11.72 21.74
C THR B 97 -33.62 -11.48 20.24
N PRO B 98 -32.60 -10.74 19.79
CA PRO B 98 -32.37 -10.58 18.36
C PRO B 98 -31.75 -11.83 17.76
N TRP B 99 -31.56 -11.80 16.44
CA TRP B 99 -31.01 -12.93 15.73
C TRP B 99 -29.90 -12.57 14.75
N CYS B 100 -29.75 -11.30 14.37
CA CYS B 100 -28.73 -10.90 13.42
C CYS B 100 -28.59 -9.38 13.45
N VAL B 101 -27.42 -8.88 13.07
CA VAL B 101 -27.08 -7.46 13.14
C VAL B 101 -26.79 -6.88 11.77
N THR B 102 -25.81 -7.43 11.05
CA THR B 102 -25.49 -7.04 9.68
C THR B 102 -25.15 -5.54 9.59
N PHE B 103 -24.01 -5.21 10.19
CA PHE B 103 -23.45 -3.87 10.06
C PHE B 103 -23.40 -3.43 8.60
N HIS B 104 -23.80 -2.18 8.35
CA HIS B 104 -23.74 -1.65 7.00
C HIS B 104 -22.29 -1.54 6.54
N PRO B 105 -21.99 -1.96 5.30
CA PRO B 105 -20.58 -2.06 4.89
C PRO B 105 -19.99 -0.78 4.35
N THR B 106 -20.79 0.25 4.04
CA THR B 106 -20.31 1.33 3.18
C THR B 106 -20.17 2.67 3.89
N ILE B 107 -21.24 3.21 4.48
CA ILE B 107 -21.22 4.65 4.75
C ILE B 107 -20.70 4.99 6.14
N SER B 108 -21.46 4.67 7.19
CA SER B 108 -21.04 4.98 8.55
C SER B 108 -21.97 4.39 9.59
N GLY B 109 -21.42 3.68 10.57
CA GLY B 109 -22.10 3.36 11.82
C GLY B 109 -23.55 2.94 11.73
N LEU B 110 -23.96 2.39 10.60
CA LEU B 110 -25.35 2.01 10.38
C LEU B 110 -25.50 0.53 10.69
N ILE B 111 -26.38 0.21 11.63
CA ILE B 111 -26.54 -1.16 12.13
C ILE B 111 -28.01 -1.53 12.07
N ALA B 112 -28.31 -2.68 11.48
CA ALA B 112 -29.66 -3.22 11.45
C ALA B 112 -29.82 -4.24 12.57
N SER B 113 -31.04 -4.76 12.72
CA SER B 113 -31.31 -5.73 13.77
C SER B 113 -32.60 -6.50 13.52
N GLY B 114 -32.55 -7.82 13.69
CA GLY B 114 -33.73 -8.65 13.58
C GLY B 114 -34.26 -9.07 14.95
N CYS B 115 -35.36 -9.81 14.92
CA CYS B 115 -35.98 -10.30 16.14
C CYS B 115 -36.89 -11.47 15.79
N LEU B 116 -37.45 -12.08 16.82
CA LEU B 116 -38.37 -13.21 16.65
C LEU B 116 -39.83 -12.76 16.57
N ASP B 117 -40.09 -11.47 16.63
CA ASP B 117 -41.45 -10.94 16.50
C ASP B 117 -41.69 -10.18 15.23
N GLY B 118 -40.66 -9.96 14.40
CA GLY B 118 -40.83 -9.27 13.14
C GLY B 118 -40.58 -7.78 13.24
N GLU B 119 -39.44 -7.40 13.81
CA GLU B 119 -39.06 -6.00 13.93
C GLU B 119 -37.69 -5.78 13.32
N VAL B 120 -37.56 -4.70 12.57
CA VAL B 120 -36.28 -4.25 12.04
C VAL B 120 -36.11 -2.80 12.47
N ARG B 121 -35.00 -2.51 13.14
CA ARG B 121 -34.85 -1.21 13.79
C ARG B 121 -34.06 -0.23 12.93
N ILE B 122 -32.92 -0.67 12.40
CA ILE B 122 -31.98 0.19 11.67
C ILE B 122 -31.57 1.34 12.59
N TRP B 123 -30.72 1.04 13.57
CA TRP B 123 -30.28 2.04 14.52
C TRP B 123 -29.31 3.01 13.87
N ASP B 124 -29.09 4.15 14.54
CA ASP B 124 -28.18 5.17 14.04
C ASP B 124 -27.09 5.52 15.05
N LEU B 125 -26.89 4.68 16.06
CA LEU B 125 -25.84 4.87 17.06
C LEU B 125 -26.01 6.18 17.82
N HIS B 126 -25.67 7.30 17.18
CA HIS B 126 -25.74 8.61 17.82
C HIS B 126 -27.12 9.24 17.61
N GLY B 127 -28.15 8.51 18.03
CA GLY B 127 -29.51 8.99 17.94
C GLY B 127 -30.18 8.66 16.62
N GLY B 128 -31.37 8.06 16.70
CA GLY B 128 -32.11 7.71 15.50
C GLY B 128 -32.48 6.24 15.45
N SER B 129 -33.75 5.96 15.17
CA SER B 129 -34.23 4.58 15.10
C SER B 129 -35.55 4.54 14.36
N GLU B 130 -35.67 3.61 13.42
CA GLU B 130 -36.90 3.38 12.68
C GLU B 130 -37.50 2.04 13.11
N SER B 131 -38.60 1.68 12.46
CA SER B 131 -39.28 0.42 12.80
C SER B 131 -40.14 -0.02 11.63
N TRP B 132 -40.25 -1.33 11.47
CA TRP B 132 -41.15 -1.94 10.50
C TRP B 132 -41.61 -3.28 11.06
N PHE B 133 -42.89 -3.58 10.87
CA PHE B 133 -43.49 -4.76 11.47
C PHE B 133 -43.98 -5.73 10.40
N THR B 134 -44.00 -7.01 10.74
CA THR B 134 -44.53 -8.03 9.86
C THR B 134 -46.05 -8.04 9.95
N ASP B 135 -46.68 -9.03 9.32
CA ASP B 135 -48.12 -9.16 9.28
C ASP B 135 -48.63 -10.40 10.01
N SER B 136 -47.74 -11.30 10.43
CA SER B 136 -48.19 -12.52 11.10
C SER B 136 -47.32 -12.87 12.30
N ASN B 137 -46.59 -11.90 12.85
CA ASN B 137 -45.73 -12.12 14.02
C ASN B 137 -44.74 -13.26 13.77
N ASN B 138 -44.14 -13.25 12.58
CA ASN B 138 -43.15 -14.24 12.21
C ASN B 138 -41.74 -13.73 12.50
N ALA B 139 -40.81 -14.67 12.63
CA ALA B 139 -39.43 -14.33 12.95
C ALA B 139 -38.71 -13.84 11.70
N ILE B 140 -37.56 -13.22 11.92
CA ILE B 140 -36.70 -12.72 10.85
C ILE B 140 -35.42 -13.52 10.87
N ALA B 141 -35.16 -14.27 9.80
CA ALA B 141 -33.98 -15.13 9.77
C ALA B 141 -32.70 -14.32 9.66
N SER B 142 -32.64 -13.37 8.72
CA SER B 142 -31.42 -12.62 8.49
C SER B 142 -31.72 -11.42 7.60
N LEU B 143 -30.74 -10.53 7.51
CA LEU B 143 -30.77 -9.42 6.56
C LEU B 143 -29.39 -9.22 5.97
N ALA B 144 -29.35 -8.52 4.83
CA ALA B 144 -28.10 -8.16 4.19
C ALA B 144 -28.31 -6.86 3.42
N PHE B 145 -27.34 -5.96 3.53
CA PHE B 145 -27.44 -4.66 2.88
C PHE B 145 -26.93 -4.77 1.44
N HIS B 146 -26.86 -3.63 0.76
CA HIS B 146 -26.29 -3.56 -0.58
C HIS B 146 -25.22 -2.48 -0.57
N PRO B 147 -24.04 -2.75 -1.14
CA PRO B 147 -22.94 -1.79 -1.05
C PRO B 147 -23.20 -0.48 -1.77
N THR B 148 -23.62 -0.55 -3.04
CA THR B 148 -23.76 0.65 -3.86
C THR B 148 -25.18 1.21 -3.81
N ALA B 149 -26.18 0.39 -4.08
CA ALA B 149 -27.56 0.86 -4.17
C ALA B 149 -28.14 1.07 -2.78
N GLN B 150 -29.38 1.55 -2.73
CA GLN B 150 -30.10 1.78 -1.48
C GLN B 150 -31.18 0.70 -1.38
N LEU B 151 -30.81 -0.44 -0.82
CA LEU B 151 -31.72 -1.58 -0.78
C LEU B 151 -31.39 -2.46 0.42
N LEU B 152 -32.43 -3.01 1.03
CA LEU B 152 -32.28 -3.91 2.18
C LEU B 152 -33.17 -5.13 1.97
N LEU B 153 -32.65 -6.31 2.30
CA LEU B 153 -33.36 -7.57 2.16
C LEU B 153 -33.63 -8.14 3.54
N ILE B 154 -34.83 -8.66 3.75
CA ILE B 154 -35.24 -9.23 5.03
C ILE B 154 -35.65 -10.68 4.81
N ALA B 155 -35.10 -11.58 5.61
CA ALA B 155 -35.40 -13.01 5.52
C ALA B 155 -36.46 -13.35 6.57
N THR B 156 -37.71 -13.04 6.22
CA THR B 156 -38.88 -13.43 7.01
C THR B 156 -39.24 -14.86 6.64
N ALA B 157 -40.48 -15.27 6.92
CA ALA B 157 -40.99 -16.53 6.37
C ALA B 157 -40.93 -16.43 4.84
N ASN B 158 -41.33 -17.48 4.12
CA ASN B 158 -40.75 -17.67 2.79
C ASN B 158 -41.17 -16.59 1.81
N GLU B 159 -40.65 -15.39 2.06
CA GLU B 159 -40.73 -14.24 1.15
C GLU B 159 -39.46 -13.43 1.33
N ILE B 160 -39.18 -12.57 0.37
CA ILE B 160 -38.12 -11.58 0.48
C ILE B 160 -38.73 -10.24 0.07
N HIS B 161 -38.51 -9.20 0.89
CA HIS B 161 -39.31 -7.98 0.78
C HIS B 161 -38.60 -6.87 0.03
N PHE B 162 -37.26 -6.89 -0.03
CA PHE B 162 -36.49 -5.88 -0.75
C PHE B 162 -36.86 -4.46 -0.30
N TRP B 163 -36.73 -4.22 0.99
CA TRP B 163 -37.16 -2.95 1.56
C TRP B 163 -36.09 -1.87 1.36
N ASP B 164 -36.55 -0.62 1.29
CA ASP B 164 -35.70 0.56 1.23
C ASP B 164 -35.99 1.42 2.46
N TRP B 165 -34.94 1.92 3.09
CA TRP B 165 -35.10 2.73 4.30
C TRP B 165 -35.26 4.21 3.94
N SER B 166 -36.17 4.49 3.01
CA SER B 166 -36.57 5.84 2.67
C SER B 166 -38.06 6.06 2.88
N ARG B 167 -38.89 5.15 2.36
CA ARG B 167 -40.32 5.17 2.63
C ARG B 167 -40.62 4.23 3.78
N ARG B 168 -41.91 3.98 4.04
CA ARG B 168 -42.32 3.16 5.17
C ARG B 168 -42.78 1.77 4.76
N GLU B 169 -42.63 1.39 3.49
CA GLU B 169 -43.09 0.10 3.03
C GLU B 169 -42.15 -0.45 1.97
N PRO B 170 -42.04 -1.77 1.84
CA PRO B 170 -41.26 -2.36 0.75
C PRO B 170 -41.96 -2.15 -0.58
N PHE B 171 -41.24 -2.52 -1.65
CA PHE B 171 -41.75 -2.33 -3.01
C PHE B 171 -41.69 -3.60 -3.86
N ALA B 172 -41.37 -4.75 -3.27
CA ALA B 172 -41.29 -5.98 -4.04
C ALA B 172 -41.54 -7.17 -3.12
N VAL B 173 -42.19 -8.19 -3.65
CA VAL B 173 -42.43 -9.44 -2.95
C VAL B 173 -42.13 -10.59 -3.89
N VAL B 174 -41.34 -11.55 -3.43
CA VAL B 174 -41.02 -12.75 -4.20
C VAL B 174 -41.39 -13.97 -3.36
N LYS B 175 -42.09 -14.91 -3.99
CA LYS B 175 -42.66 -16.07 -3.31
C LYS B 175 -41.68 -17.23 -3.41
N THR B 176 -42.05 -18.35 -2.79
CA THR B 176 -41.25 -19.58 -2.84
C THR B 176 -42.15 -20.79 -3.02
N ALA B 177 -43.17 -20.65 -3.88
CA ALA B 177 -44.10 -21.72 -4.20
C ALA B 177 -44.78 -22.25 -2.94
N SER B 178 -44.34 -23.42 -2.47
CA SER B 178 -44.94 -24.03 -1.30
C SER B 178 -44.64 -23.22 -0.04
N GLU B 179 -45.23 -23.64 1.07
CA GLU B 179 -45.22 -22.84 2.29
C GLU B 179 -44.17 -23.25 3.31
N MET B 180 -43.70 -24.50 3.29
CA MET B 180 -42.72 -24.96 4.27
C MET B 180 -41.28 -24.84 3.78
N GLU B 181 -41.04 -24.24 2.62
CA GLU B 181 -39.68 -23.99 2.14
C GLU B 181 -39.30 -22.57 2.55
N ARG B 182 -38.80 -22.42 3.77
CA ARG B 182 -38.46 -21.11 4.33
C ARG B 182 -37.05 -20.70 3.90
N VAL B 183 -36.74 -19.43 4.14
CA VAL B 183 -35.45 -18.85 3.79
C VAL B 183 -34.71 -18.52 5.08
N ARG B 184 -33.41 -18.79 5.09
CA ARG B 184 -32.61 -18.63 6.31
C ARG B 184 -31.33 -17.83 6.13
N LEU B 185 -30.87 -17.59 4.90
CA LEU B 185 -29.62 -16.87 4.70
C LEU B 185 -29.69 -16.10 3.39
N VAL B 186 -29.42 -14.80 3.45
CA VAL B 186 -29.49 -13.94 2.28
C VAL B 186 -28.22 -13.11 2.12
N ARG B 187 -27.09 -13.64 2.59
CA ARG B 187 -25.85 -12.88 2.57
C ARG B 187 -25.40 -12.57 1.13
N PHE B 188 -24.81 -11.40 0.95
CA PHE B 188 -24.32 -10.92 -0.33
C PHE B 188 -22.86 -11.30 -0.52
N ASP B 189 -22.27 -10.77 -1.59
CA ASP B 189 -20.86 -10.92 -1.92
C ASP B 189 -20.12 -9.62 -1.61
N PRO B 190 -18.80 -9.68 -1.43
CA PRO B 190 -18.05 -8.46 -1.07
C PRO B 190 -18.18 -7.33 -2.06
N LEU B 191 -18.28 -7.60 -3.36
CA LEU B 191 -18.39 -6.56 -4.36
C LEU B 191 -19.83 -6.23 -4.75
N GLY B 192 -20.81 -6.89 -4.14
CA GLY B 192 -22.20 -6.60 -4.47
C GLY B 192 -22.60 -6.97 -5.89
N HIS B 193 -22.09 -8.08 -6.41
CA HIS B 193 -22.40 -8.53 -7.76
C HIS B 193 -23.16 -9.85 -7.78
N TYR B 194 -23.43 -10.46 -6.63
CA TYR B 194 -24.08 -11.76 -6.59
C TYR B 194 -24.85 -11.90 -5.29
N LEU B 195 -25.78 -12.85 -5.28
CA LEU B 195 -26.58 -13.18 -4.11
C LEU B 195 -26.27 -14.60 -3.66
N LEU B 196 -26.83 -14.97 -2.51
CA LEU B 196 -26.65 -16.33 -1.99
C LEU B 196 -27.80 -16.61 -1.03
N THR B 197 -28.68 -17.52 -1.41
CA THR B 197 -29.84 -17.89 -0.61
C THR B 197 -29.66 -19.29 -0.05
N ALA B 198 -30.49 -19.63 0.94
CA ALA B 198 -30.45 -20.94 1.57
C ALA B 198 -31.87 -21.28 2.01
N ILE B 199 -32.55 -22.12 1.24
CA ILE B 199 -33.94 -22.47 1.51
C ILE B 199 -34.02 -23.95 1.88
N VAL B 200 -35.14 -24.31 2.50
CA VAL B 200 -35.33 -25.67 3.00
C VAL B 200 -35.63 -26.61 1.83
N ASN B 201 -34.92 -27.72 1.79
CA ASN B 201 -35.17 -28.77 0.80
C ASN B 201 -36.37 -29.60 1.22
N PRO B 202 -37.40 -29.70 0.39
CA PRO B 202 -38.57 -30.52 0.74
C PRO B 202 -38.21 -31.99 0.81
N SER B 203 -38.90 -32.72 1.68
CA SER B 203 -38.68 -34.14 1.87
C SER B 203 -39.92 -34.74 2.49
N ASN B 204 -39.82 -36.00 2.92
CA ASN B 204 -40.94 -36.69 3.55
C ASN B 204 -41.19 -36.16 4.95
N ALA B 208 -36.88 -37.22 8.74
CA ALA B 208 -35.51 -37.04 9.20
C ALA B 208 -35.21 -35.57 9.45
N ASN B 209 -33.93 -35.27 9.68
CA ASN B 209 -33.53 -33.89 9.92
C ASN B 209 -33.67 -33.06 8.66
N THR B 210 -34.04 -31.80 8.84
CA THR B 210 -34.24 -30.89 7.71
C THR B 210 -32.90 -30.55 7.05
N THR B 211 -32.94 -30.37 5.73
CA THR B 211 -31.78 -30.00 4.96
C THR B 211 -32.06 -28.69 4.21
N TYR B 212 -30.99 -28.08 3.73
CA TYR B 212 -31.08 -26.80 3.03
C TYR B 212 -30.36 -26.89 1.69
N ARG B 213 -30.65 -25.92 0.82
CA ARG B 213 -30.00 -25.81 -0.48
C ARG B 213 -29.51 -24.39 -0.66
N LEU B 214 -28.28 -24.23 -1.11
CA LEU B 214 -27.68 -22.91 -1.31
C LEU B 214 -27.48 -22.69 -2.81
N GLN B 215 -28.29 -21.81 -3.38
CA GLN B 215 -28.14 -21.39 -4.76
C GLN B 215 -27.29 -20.13 -4.85
N TRP B 216 -26.87 -19.81 -6.07
CA TRP B 216 -26.00 -18.66 -6.35
C TRP B 216 -26.67 -17.83 -7.44
N TRP B 217 -27.55 -16.91 -7.04
CA TRP B 217 -28.27 -16.09 -7.99
C TRP B 217 -27.42 -14.92 -8.45
N ASP B 218 -27.81 -14.35 -9.59
CA ASP B 218 -27.13 -13.21 -10.18
C ASP B 218 -27.92 -11.94 -9.90
N PHE B 219 -27.23 -10.89 -9.47
CA PHE B 219 -27.85 -9.62 -9.12
C PHE B 219 -27.09 -8.46 -9.76
N THR B 220 -26.58 -8.68 -10.98
CA THR B 220 -25.80 -7.65 -11.64
C THR B 220 -26.67 -6.50 -12.13
N LYS B 221 -27.81 -6.81 -12.75
CA LYS B 221 -28.69 -5.80 -13.31
C LYS B 221 -29.94 -5.56 -12.47
N PHE B 222 -29.86 -5.81 -11.17
CA PHE B 222 -30.97 -5.59 -10.24
C PHE B 222 -32.23 -6.36 -10.67
N ASP B 223 -32.03 -7.59 -11.14
CA ASP B 223 -33.14 -8.45 -11.53
C ASP B 223 -33.63 -9.23 -10.33
N LEU B 224 -34.94 -9.26 -10.14
CA LEU B 224 -35.51 -9.98 -9.01
C LEU B 224 -35.32 -11.48 -9.21
N PRO B 225 -34.65 -12.17 -8.30
CA PRO B 225 -34.46 -13.61 -8.47
C PRO B 225 -35.78 -14.36 -8.36
N GLU B 226 -35.86 -15.47 -9.09
CA GLU B 226 -37.04 -16.33 -9.09
C GLU B 226 -36.70 -17.57 -8.26
N ILE B 227 -37.22 -17.61 -7.03
CA ILE B 227 -36.95 -18.73 -6.13
C ILE B 227 -37.93 -19.88 -6.34
N SER B 228 -38.99 -19.66 -7.11
CA SER B 228 -40.00 -20.70 -7.32
C SER B 228 -39.47 -21.91 -8.08
N ASN B 229 -38.31 -21.80 -8.72
CA ASN B 229 -37.72 -22.91 -9.45
C ASN B 229 -36.61 -23.51 -8.60
N ALA B 230 -36.67 -24.81 -8.36
CA ALA B 230 -35.74 -25.51 -7.49
C ALA B 230 -34.73 -26.35 -8.27
N SER B 231 -34.39 -25.94 -9.49
CA SER B 231 -33.46 -26.70 -10.31
C SER B 231 -32.45 -25.85 -11.06
N VAL B 232 -32.40 -24.54 -10.81
CA VAL B 232 -31.51 -23.63 -11.54
C VAL B 232 -30.46 -23.12 -10.57
N ASN B 233 -29.20 -23.16 -11.00
CA ASN B 233 -28.08 -22.55 -10.29
C ASN B 233 -27.91 -23.15 -8.89
N VAL B 234 -27.81 -24.46 -8.83
CA VAL B 234 -27.53 -25.17 -7.59
C VAL B 234 -26.03 -25.24 -7.40
N LEU B 235 -25.58 -25.10 -6.16
CA LEU B 235 -24.14 -25.04 -5.90
C LEU B 235 -23.69 -26.10 -4.91
N VAL B 236 -24.49 -26.36 -3.87
CA VAL B 236 -24.09 -27.29 -2.82
C VAL B 236 -25.09 -28.41 -2.59
N GLN B 237 -26.37 -28.21 -2.90
CA GLN B 237 -27.44 -29.18 -2.62
C GLN B 237 -27.50 -29.35 -1.10
N ASN B 238 -27.26 -30.53 -0.54
CA ASN B 238 -27.51 -30.75 0.88
C ASN B 238 -26.49 -30.03 1.74
N CYS B 239 -26.97 -29.46 2.85
CA CYS B 239 -26.12 -28.77 3.82
C CYS B 239 -26.97 -28.55 5.08
N LYS B 240 -26.30 -28.09 6.14
CA LYS B 240 -26.96 -27.83 7.43
C LYS B 240 -26.66 -26.42 7.89
N ILE B 241 -27.71 -25.63 8.12
CA ILE B 241 -27.60 -24.23 8.51
C ILE B 241 -28.29 -24.04 9.85
N TYR B 242 -27.62 -23.34 10.77
CA TYR B 242 -28.22 -22.94 12.03
C TYR B 242 -28.49 -21.44 12.11
N ASN B 243 -27.49 -20.61 11.85
CA ASN B 243 -27.66 -19.16 11.84
C ASN B 243 -26.70 -18.58 10.81
N ASP B 244 -26.53 -17.25 10.86
CA ASP B 244 -25.65 -16.58 9.92
C ASP B 244 -24.18 -16.92 10.12
N ALA B 245 -23.83 -17.56 11.23
CA ALA B 245 -22.45 -17.93 11.52
C ALA B 245 -22.10 -19.34 11.07
N SER B 246 -23.03 -20.04 10.43
CA SER B 246 -22.81 -21.40 9.97
C SER B 246 -22.30 -21.46 8.53
N CYS B 247 -22.07 -20.31 7.90
CA CYS B 247 -21.56 -20.26 6.54
C CYS B 247 -20.85 -18.93 6.35
N ASP B 248 -19.61 -19.00 5.86
CA ASP B 248 -18.77 -17.81 5.73
C ASP B 248 -18.15 -17.75 4.36
N ILE B 249 -17.94 -16.53 3.85
CA ILE B 249 -17.27 -16.29 2.60
C ILE B 249 -15.99 -15.51 2.88
N SER B 250 -14.91 -15.89 2.20
CA SER B 250 -13.63 -15.25 2.42
C SER B 250 -13.68 -13.78 2.03
N ALA B 251 -12.68 -13.03 2.48
CA ALA B 251 -12.63 -11.60 2.19
C ALA B 251 -12.52 -11.34 0.70
N ASP B 252 -11.70 -12.13 0.00
CA ASP B 252 -11.59 -11.99 -1.44
C ASP B 252 -12.81 -12.53 -2.18
N GLY B 253 -13.66 -13.31 -1.50
CA GLY B 253 -14.84 -13.85 -2.15
C GLY B 253 -14.57 -15.04 -3.04
N GLN B 254 -13.36 -15.60 -3.00
CA GLN B 254 -13.00 -16.73 -3.84
C GLN B 254 -13.13 -18.07 -3.12
N LEU B 255 -13.74 -18.08 -1.94
CA LEU B 255 -13.89 -19.31 -1.17
C LEU B 255 -15.19 -19.27 -0.39
N LEU B 256 -15.75 -20.45 -0.13
CA LEU B 256 -17.02 -20.57 0.57
C LEU B 256 -17.04 -21.88 1.34
N ALA B 257 -17.35 -21.81 2.63
CA ALA B 257 -17.39 -22.98 3.50
C ALA B 257 -18.81 -23.52 3.61
N ALA B 258 -18.91 -24.77 4.08
CA ALA B 258 -20.21 -25.43 4.22
C ALA B 258 -20.06 -26.56 5.23
N PHE B 259 -21.20 -27.13 5.60
CA PHE B 259 -21.28 -28.21 6.59
C PHE B 259 -22.18 -29.33 6.09
N ILE B 260 -21.94 -29.80 4.87
CA ILE B 260 -22.80 -30.83 4.29
C ILE B 260 -22.74 -32.09 5.16
N PRO B 261 -23.83 -32.84 5.30
CA PRO B 261 -23.83 -34.01 6.17
C PRO B 261 -23.50 -35.29 5.42
N SER B 262 -23.24 -36.34 6.21
CA SER B 262 -22.93 -37.67 5.70
C SER B 262 -21.78 -37.66 4.71
N GLU B 270 -21.28 -37.60 11.85
CA GLU B 270 -21.06 -37.98 10.47
C GLU B 270 -20.84 -36.77 9.58
N GLY B 271 -21.04 -35.59 10.16
CA GLY B 271 -20.86 -34.35 9.44
C GLY B 271 -19.45 -34.15 8.93
N ILE B 272 -19.30 -33.75 7.67
CA ILE B 272 -18.01 -33.52 7.05
C ILE B 272 -17.96 -32.05 6.63
N LEU B 273 -16.77 -31.46 6.68
CA LEU B 273 -16.63 -30.06 6.29
C LEU B 273 -16.01 -29.97 4.89
N ALA B 274 -16.47 -28.99 4.12
CA ALA B 274 -15.96 -28.79 2.77
C ALA B 274 -15.99 -27.31 2.44
N VAL B 275 -15.12 -26.91 1.52
CA VAL B 275 -15.05 -25.54 1.02
C VAL B 275 -15.06 -25.57 -0.50
N TYR B 276 -15.92 -24.77 -1.11
CA TYR B 276 -16.13 -24.77 -2.55
C TYR B 276 -15.62 -23.47 -3.14
N SER B 277 -14.87 -23.57 -4.23
CA SER B 277 -14.36 -22.38 -4.90
C SER B 277 -15.48 -21.65 -5.62
N LEU B 278 -15.41 -20.31 -5.61
CA LEU B 278 -16.42 -19.47 -6.23
C LEU B 278 -15.91 -18.79 -7.50
N ALA B 279 -14.74 -19.20 -8.00
CA ALA B 279 -14.21 -18.62 -9.21
C ALA B 279 -15.07 -19.01 -10.42
N PRO B 280 -15.17 -18.11 -11.41
CA PRO B 280 -16.06 -18.39 -12.55
C PRO B 280 -15.67 -19.61 -13.38
N HIS B 281 -14.41 -20.05 -13.34
CA HIS B 281 -13.97 -21.14 -14.19
C HIS B 281 -14.10 -22.52 -13.54
N ASN B 282 -14.15 -22.60 -12.22
CA ASN B 282 -14.31 -23.86 -11.51
C ASN B 282 -15.35 -23.71 -10.40
N LEU B 283 -16.48 -23.10 -10.74
CA LEU B 283 -17.52 -22.82 -9.76
C LEU B 283 -18.26 -24.10 -9.39
N GLY B 284 -17.86 -24.72 -8.28
CA GLY B 284 -18.53 -25.91 -7.79
C GLY B 284 -17.60 -27.00 -7.31
N GLU B 285 -16.31 -26.84 -7.55
CA GLU B 285 -15.35 -27.86 -7.14
C GLU B 285 -15.25 -27.96 -5.63
N MET B 286 -15.01 -29.17 -5.15
CA MET B 286 -15.09 -29.50 -3.73
C MET B 286 -13.76 -29.30 -3.01
N LEU B 287 -12.64 -29.48 -3.72
CA LEU B 287 -11.31 -29.11 -3.22
C LEU B 287 -10.96 -29.76 -1.88
N TYR B 288 -10.94 -28.95 -0.81
CA TYR B 288 -10.55 -29.41 0.51
C TYR B 288 -11.72 -30.05 1.22
N THR B 289 -11.41 -30.97 2.14
CA THR B 289 -12.44 -31.66 2.90
C THR B 289 -11.87 -32.20 4.20
N LYS B 290 -12.75 -32.45 5.16
CA LYS B 290 -12.38 -33.02 6.45
C LYS B 290 -13.63 -33.58 7.10
N ARG B 291 -13.43 -34.56 8.00
CA ARG B 291 -14.51 -35.20 8.72
C ARG B 291 -14.49 -34.75 10.18
N PHE B 292 -15.64 -34.37 10.70
CA PHE B 292 -15.78 -33.92 12.08
C PHE B 292 -16.89 -34.73 12.77
N GLY B 293 -17.09 -34.43 14.06
CA GLY B 293 -18.16 -35.03 14.82
C GLY B 293 -19.41 -34.18 14.78
N PRO B 294 -20.47 -34.66 15.44
CA PRO B 294 -21.75 -33.92 15.46
C PRO B 294 -21.81 -32.87 16.57
N ASN B 295 -20.76 -32.05 16.67
CA ASN B 295 -20.72 -30.99 17.69
C ASN B 295 -20.10 -29.71 17.16
N ALA B 296 -19.96 -29.56 15.85
CA ALA B 296 -19.40 -28.34 15.27
C ALA B 296 -20.54 -27.36 15.01
N ILE B 297 -20.36 -26.12 15.47
CA ILE B 297 -21.43 -25.13 15.45
C ILE B 297 -21.08 -23.97 14.52
N SER B 298 -19.80 -23.65 14.40
CA SER B 298 -19.40 -22.46 13.69
C SER B 298 -18.15 -22.73 12.87
N VAL B 299 -17.94 -21.90 11.85
CA VAL B 299 -16.78 -21.99 10.98
C VAL B 299 -16.43 -20.59 10.51
N SER B 300 -15.14 -20.25 10.55
CA SER B 300 -14.67 -18.94 10.10
C SER B 300 -13.38 -19.11 9.31
N LEU B 301 -13.14 -18.19 8.39
CA LEU B 301 -11.97 -18.23 7.53
C LEU B 301 -11.02 -17.10 7.87
N SER B 302 -9.73 -17.34 7.59
CA SER B 302 -8.71 -16.32 7.82
C SER B 302 -8.88 -15.16 6.85
N PRO B 303 -8.41 -13.97 7.23
CA PRO B 303 -8.53 -12.82 6.31
C PRO B 303 -7.85 -13.06 4.96
N MET B 304 -6.72 -13.76 4.94
CA MET B 304 -6.03 -14.10 3.70
C MET B 304 -6.46 -15.44 3.13
N GLY B 305 -7.43 -16.11 3.74
CA GLY B 305 -7.93 -17.35 3.17
C GLY B 305 -6.94 -18.49 3.15
N ARG B 306 -6.22 -18.69 4.25
CA ARG B 306 -5.32 -19.83 4.37
C ARG B 306 -5.45 -20.57 5.70
N TYR B 307 -6.34 -20.12 6.58
CA TYR B 307 -6.57 -20.80 7.86
C TYR B 307 -8.06 -20.81 8.15
N VAL B 308 -8.54 -21.94 8.67
CA VAL B 308 -9.95 -22.13 8.98
C VAL B 308 -10.06 -22.54 10.44
N MET B 309 -10.93 -21.86 11.18
CA MET B 309 -11.19 -22.17 12.58
C MET B 309 -12.60 -22.71 12.73
N VAL B 310 -12.75 -23.82 13.45
CA VAL B 310 -14.04 -24.46 13.67
C VAL B 310 -14.34 -24.42 15.16
N GLY B 311 -15.45 -23.80 15.53
CA GLY B 311 -15.86 -23.76 16.92
C GLY B 311 -16.53 -25.06 17.35
N LEU B 312 -16.27 -25.46 18.58
CA LEU B 312 -16.81 -26.70 19.14
C LEU B 312 -17.67 -26.39 20.36
N ALA B 313 -18.69 -27.22 20.57
CA ALA B 313 -19.59 -27.06 21.70
C ALA B 313 -19.96 -28.43 22.24
N SER B 314 -20.44 -28.45 23.47
CA SER B 314 -20.84 -29.69 24.13
C SER B 314 -21.99 -29.46 25.10
N HIS B 325 -11.42 -26.29 29.01
CA HIS B 325 -11.73 -27.30 28.00
C HIS B 325 -11.43 -26.76 26.60
N MET B 326 -11.64 -27.60 25.59
CA MET B 326 -11.39 -27.21 24.22
C MET B 326 -12.43 -26.19 23.76
N VAL B 327 -11.99 -25.21 22.98
CA VAL B 327 -12.86 -24.14 22.53
C VAL B 327 -13.07 -24.23 21.02
N ALA B 328 -11.99 -24.49 20.29
CA ALA B 328 -12.04 -24.49 18.83
C ALA B 328 -10.78 -25.18 18.30
N GLN B 329 -10.77 -25.40 16.99
CA GLN B 329 -9.62 -26.00 16.31
C GLN B 329 -9.35 -25.19 15.06
N VAL B 330 -8.07 -25.05 14.70
CA VAL B 330 -7.66 -24.28 13.53
C VAL B 330 -6.86 -25.19 12.61
N PHE B 331 -7.16 -25.10 11.32
CA PHE B 331 -6.49 -25.91 10.30
C PHE B 331 -5.94 -25.00 9.22
N ARG B 332 -4.92 -25.51 8.51
CA ARG B 332 -4.29 -24.78 7.42
C ARG B 332 -4.44 -25.59 6.14
N LEU B 333 -5.11 -25.01 5.15
CA LEU B 333 -5.33 -25.69 3.87
C LEU B 333 -3.99 -25.94 3.20
N GLN B 334 -3.68 -27.20 2.92
CA GLN B 334 -2.38 -27.59 2.38
C GLN B 334 -2.46 -28.18 0.98
N GLN B 335 -3.23 -29.24 0.78
CA GLN B 335 -3.27 -29.94 -0.50
C GLN B 335 -4.38 -29.32 -1.34
N ALA B 336 -4.10 -29.12 -2.63
CA ALA B 336 -4.99 -28.30 -3.45
C ALA B 336 -6.34 -28.97 -3.69
N HIS B 337 -6.33 -30.23 -4.13
CA HIS B 337 -7.51 -30.81 -4.77
C HIS B 337 -7.81 -32.22 -4.26
N GLY B 338 -7.96 -32.38 -2.96
CA GLY B 338 -8.59 -33.57 -2.43
C GLY B 338 -7.75 -34.21 -1.34
N GLY B 339 -8.06 -35.48 -1.08
CA GLY B 339 -7.34 -36.25 -0.09
C GLY B 339 -7.72 -35.91 1.33
N GLU B 340 -7.84 -36.92 2.18
CA GLU B 340 -8.14 -36.69 3.59
C GLU B 340 -6.98 -36.01 4.31
N THR B 341 -5.77 -36.08 3.75
CA THR B 341 -4.61 -35.44 4.35
C THR B 341 -4.66 -33.92 4.29
N SER B 342 -5.59 -33.35 3.51
CA SER B 342 -5.69 -31.91 3.41
C SER B 342 -6.03 -31.29 4.76
N MET B 343 -5.29 -30.23 5.11
CA MET B 343 -5.35 -29.46 6.34
C MET B 343 -5.29 -30.30 7.62
N ARG B 344 -4.39 -29.90 8.52
CA ARG B 344 -4.11 -30.64 9.75
C ARG B 344 -4.17 -29.70 10.94
N ARG B 345 -4.31 -30.29 12.13
CA ARG B 345 -4.35 -29.51 13.36
C ARG B 345 -3.02 -28.78 13.56
N VAL B 346 -3.11 -27.50 13.88
CA VAL B 346 -1.93 -26.69 14.17
C VAL B 346 -2.15 -25.92 15.46
N PHE B 347 -3.38 -25.89 15.95
CA PHE B 347 -3.77 -25.01 17.04
C PHE B 347 -4.63 -25.76 18.03
N ASN B 348 -4.68 -25.23 19.26
CA ASN B 348 -5.59 -25.74 20.28
C ASN B 348 -5.82 -24.62 21.29
N VAL B 349 -6.96 -23.97 21.18
CA VAL B 349 -7.34 -22.89 22.09
C VAL B 349 -8.13 -23.47 23.26
N LEU B 350 -7.90 -22.95 24.45
CA LEU B 350 -8.50 -23.48 25.66
C LEU B 350 -9.13 -22.36 26.48
N TYR B 351 -10.18 -22.70 27.20
CA TYR B 351 -10.83 -21.75 28.10
C TYR B 351 -9.93 -21.53 29.31
N PRO B 352 -9.49 -20.30 29.56
CA PRO B 352 -8.66 -20.05 30.78
C PRO B 352 -9.52 -19.98 32.04
N MET B 353 -9.87 -21.16 32.55
CA MET B 353 -10.67 -21.25 33.77
C MET B 353 -9.82 -20.97 35.01
N HIS B 360 -19.53 -27.01 32.10
CA HIS B 360 -20.79 -26.83 31.38
C HIS B 360 -20.83 -25.47 30.70
N VAL B 361 -19.91 -25.26 29.75
CA VAL B 361 -19.82 -24.02 29.00
C VAL B 361 -19.71 -24.36 27.52
N SER B 362 -20.46 -23.64 26.68
CA SER B 362 -20.48 -23.86 25.25
C SER B 362 -20.02 -22.60 24.53
N ILE B 363 -19.83 -22.71 23.21
CA ILE B 363 -19.38 -21.62 22.37
C ILE B 363 -20.29 -21.52 21.16
N ASN B 364 -20.67 -20.30 20.80
CA ASN B 364 -21.59 -20.07 19.69
C ASN B 364 -20.98 -19.25 18.56
N SER B 365 -19.75 -18.77 18.69
CA SER B 365 -19.12 -18.00 17.62
C SER B 365 -17.61 -18.10 17.79
N ALA B 366 -16.90 -18.21 16.66
CA ALA B 366 -15.45 -18.29 16.65
C ALA B 366 -14.88 -17.46 15.51
N ARG B 367 -15.42 -16.25 15.33
CA ARG B 367 -15.08 -15.45 14.17
C ARG B 367 -13.69 -14.84 14.29
N TRP B 368 -12.98 -14.80 13.16
CA TRP B 368 -11.66 -14.18 13.08
C TRP B 368 -11.78 -12.67 13.08
N LEU B 369 -10.78 -12.00 13.61
CA LEU B 369 -10.72 -10.55 13.51
C LEU B 369 -10.31 -10.13 12.10
N PRO B 370 -10.84 -9.01 11.59
CA PRO B 370 -10.56 -8.61 10.22
C PRO B 370 -9.09 -8.35 9.93
N GLU B 371 -8.34 -7.84 10.91
CA GLU B 371 -6.93 -7.54 10.69
C GLU B 371 -6.17 -8.84 10.43
N PRO B 372 -5.18 -8.84 9.53
CA PRO B 372 -4.42 -10.06 9.26
C PRO B 372 -3.46 -10.41 10.39
N GLY B 373 -3.96 -11.09 11.41
CA GLY B 373 -3.13 -11.52 12.51
C GLY B 373 -3.21 -10.65 13.74
N LEU B 374 -4.43 -10.31 14.17
CA LEU B 374 -4.63 -9.59 15.42
C LEU B 374 -5.02 -10.47 16.58
N GLY B 375 -5.87 -11.47 16.36
CA GLY B 375 -6.25 -12.36 17.45
C GLY B 375 -7.57 -13.04 17.14
N LEU B 376 -8.18 -13.57 18.20
CA LEU B 376 -9.44 -14.29 18.13
C LEU B 376 -10.50 -13.58 18.97
N ALA B 377 -11.74 -14.01 18.80
CA ALA B 377 -12.86 -13.49 19.58
C ALA B 377 -14.00 -14.51 19.54
N TYR B 378 -14.37 -15.05 20.70
CA TYR B 378 -15.39 -16.06 20.77
C TYR B 378 -16.37 -15.76 21.89
N GLY B 379 -17.63 -16.10 21.68
CA GLY B 379 -18.66 -15.94 22.68
C GLY B 379 -18.71 -17.10 23.66
N THR B 380 -19.52 -16.92 24.70
CA THR B 380 -19.62 -17.89 25.78
C THR B 380 -21.09 -18.11 26.12
N ASN B 381 -21.44 -19.38 26.36
CA ASN B 381 -22.81 -19.74 26.68
C ASN B 381 -23.32 -19.07 27.95
N LYS B 382 -22.44 -18.73 28.88
CA LYS B 382 -22.83 -18.08 30.12
C LYS B 382 -22.97 -16.58 30.00
N GLY B 383 -22.65 -16.01 28.84
CA GLY B 383 -22.78 -14.58 28.64
C GLY B 383 -21.49 -13.81 28.84
N ASP B 384 -20.41 -14.31 28.27
CA ASP B 384 -19.10 -13.67 28.38
C ASP B 384 -18.52 -13.44 27.00
N LEU B 385 -17.94 -12.27 26.80
CA LEU B 385 -17.25 -11.92 25.56
C LEU B 385 -15.78 -11.72 25.87
N VAL B 386 -14.92 -12.45 25.16
CA VAL B 386 -13.49 -12.41 25.39
C VAL B 386 -12.77 -12.16 24.07
N ILE B 387 -11.58 -11.58 24.15
CA ILE B 387 -10.73 -11.33 22.99
C ILE B 387 -9.36 -11.93 23.29
N CYS B 388 -8.88 -12.79 22.41
CA CYS B 388 -7.58 -13.42 22.57
C CYS B 388 -6.56 -12.75 21.66
N ARG B 389 -5.35 -12.59 22.17
CA ARG B 389 -4.26 -11.96 21.43
C ARG B 389 -3.02 -12.83 21.52
N PRO B 390 -2.16 -12.78 20.49
CA PRO B 390 -0.97 -13.64 20.51
C PRO B 390 0.17 -13.02 21.32
N GLU B 391 0.85 -13.87 22.08
CA GLU B 391 2.01 -13.46 22.87
C GLU B 391 3.09 -14.52 22.73
N ALA B 392 4.34 -14.08 22.85
CA ALA B 392 5.50 -14.96 22.70
C ALA B 392 5.82 -15.61 24.05
N LEU B 393 6.98 -16.26 24.12
CA LEU B 393 7.42 -16.92 25.34
C LEU B 393 7.66 -15.92 26.47
N MET C 1 -2.07 17.97 22.79
CA MET C 1 -1.09 18.61 23.66
C MET C 1 0.29 18.63 23.03
N SER C 2 0.35 18.32 21.75
CA SER C 2 1.60 18.33 20.99
C SER C 2 1.47 19.28 19.81
N TYR C 3 2.48 20.12 19.62
CA TYR C 3 2.47 21.13 18.56
C TYR C 3 3.81 21.07 17.83
N ASN C 4 3.79 20.70 16.57
CA ASN C 4 4.99 20.56 15.76
C ASN C 4 4.88 21.45 14.52
N TYR C 5 5.96 21.49 13.75
CA TYR C 5 6.06 22.37 12.60
C TYR C 5 6.92 21.68 11.54
N VAL C 6 6.35 21.50 10.35
CA VAL C 6 7.03 20.80 9.26
C VAL C 6 7.20 21.76 8.09
N VAL C 7 8.41 21.83 7.56
CA VAL C 7 8.74 22.71 6.45
C VAL C 7 9.67 21.99 5.49
N THR C 8 9.43 22.20 4.20
CA THR C 8 10.22 21.57 3.14
C THR C 8 11.42 22.44 2.81
N ALA C 9 12.60 21.82 2.77
CA ALA C 9 13.83 22.52 2.44
C ALA C 9 14.29 22.32 1.01
N GLN C 10 13.99 21.18 0.40
CA GLN C 10 14.34 20.92 -0.99
C GLN C 10 13.16 20.23 -1.67
N LYS C 11 12.67 20.82 -2.76
CA LYS C 11 11.53 20.26 -3.46
C LYS C 11 11.91 18.94 -4.12
N PRO C 12 10.94 18.05 -4.31
CA PRO C 12 11.23 16.75 -4.93
C PRO C 12 11.83 16.91 -6.31
N THR C 13 12.76 16.00 -6.65
CA THR C 13 13.47 16.06 -7.91
C THR C 13 13.25 14.84 -8.81
N ALA C 14 12.86 13.70 -8.25
CA ALA C 14 12.66 12.51 -9.06
C ALA C 14 11.46 12.71 -9.99
N VAL C 15 11.59 12.22 -11.23
CA VAL C 15 10.58 12.40 -12.26
C VAL C 15 9.80 11.10 -12.40
N ASN C 16 8.48 11.18 -12.29
CA ASN C 16 7.61 10.01 -12.41
C ASN C 16 6.62 10.13 -13.56
N GLY C 17 6.84 11.07 -14.48
CA GLY C 17 5.95 11.22 -15.62
C GLY C 17 6.22 12.48 -16.41
N CYS C 18 6.16 12.37 -17.74
CA CYS C 18 6.42 13.50 -18.61
C CYS C 18 5.60 13.35 -19.89
N VAL C 19 5.12 14.48 -20.40
CA VAL C 19 4.30 14.49 -21.63
C VAL C 19 4.74 15.69 -22.47
N THR C 20 4.38 15.64 -23.76
CA THR C 20 4.72 16.69 -24.70
C THR C 20 3.50 17.00 -25.56
N GLY C 21 3.43 18.25 -26.02
CA GLY C 21 2.33 18.68 -26.86
C GLY C 21 2.30 20.18 -27.00
N HIS C 22 1.15 20.69 -27.45
CA HIS C 22 0.93 22.12 -27.63
C HIS C 22 -0.01 22.60 -26.54
N PHE C 23 0.53 23.32 -25.55
CA PHE C 23 -0.25 23.82 -24.43
C PHE C 23 -0.22 25.33 -24.33
N THR C 24 0.96 25.95 -24.39
CA THR C 24 1.05 27.39 -24.19
C THR C 24 0.38 28.14 -25.34
N SER C 25 0.67 27.75 -26.57
CA SER C 25 0.10 28.41 -27.74
C SER C 25 -0.03 27.36 -28.85
N ALA C 26 -0.38 27.81 -30.04
CA ALA C 26 -0.56 26.95 -31.20
C ALA C 26 0.68 26.88 -32.09
N GLU C 27 1.77 27.55 -31.69
CA GLU C 27 2.98 27.57 -32.51
C GLU C 27 4.23 27.36 -31.68
N ASP C 28 4.17 26.50 -30.67
CA ASP C 28 5.33 26.24 -29.83
C ASP C 28 5.21 24.85 -29.22
N LEU C 29 6.36 24.23 -28.97
CA LEU C 29 6.40 22.93 -28.34
C LEU C 29 6.53 23.09 -26.83
N ASN C 30 5.78 22.28 -26.09
CA ASN C 30 5.73 22.34 -24.64
C ASN C 30 6.11 20.98 -24.07
N LEU C 31 7.02 20.98 -23.10
CA LEU C 31 7.36 19.78 -22.35
C LEU C 31 6.95 19.97 -20.90
N LEU C 32 6.13 19.05 -20.39
CA LEU C 32 5.58 19.15 -19.05
C LEU C 32 6.16 18.04 -18.19
N ILE C 33 6.72 18.42 -17.04
CA ILE C 33 7.32 17.48 -16.11
C ILE C 33 6.67 17.68 -14.74
N ALA C 34 6.19 16.60 -14.14
CA ALA C 34 5.64 16.61 -12.79
C ALA C 34 6.46 15.65 -11.94
N LYS C 35 7.12 16.17 -10.91
CA LYS C 35 8.04 15.33 -10.16
C LYS C 35 7.31 14.43 -9.16
N ASN C 36 6.76 15.02 -8.10
CA ASN C 36 5.83 14.29 -7.26
C ASN C 36 4.52 15.06 -7.10
N THR C 37 4.63 16.34 -6.73
CA THR C 37 3.49 17.21 -6.49
C THR C 37 3.68 18.55 -7.18
N ARG C 38 4.71 18.67 -8.01
CA ARG C 38 5.01 19.88 -8.74
C ARG C 38 4.60 19.72 -10.19
N LEU C 39 4.70 20.82 -10.95
CA LEU C 39 4.33 20.80 -12.36
C LEU C 39 5.17 21.85 -13.07
N GLU C 40 6.24 21.41 -13.72
CA GLU C 40 7.13 22.30 -14.45
C GLU C 40 6.78 22.31 -15.92
N ILE C 41 6.75 23.51 -16.51
CA ILE C 41 6.41 23.70 -17.90
C ILE C 41 7.57 24.40 -18.60
N TYR C 42 8.01 23.84 -19.71
CA TYR C 42 9.13 24.37 -20.48
C TYR C 42 8.70 24.64 -21.92
N VAL C 43 9.50 25.45 -22.60
CA VAL C 43 9.33 25.73 -24.02
C VAL C 43 10.58 25.26 -24.74
N VAL C 44 10.41 24.39 -25.75
CA VAL C 44 11.52 23.77 -26.44
C VAL C 44 11.97 24.71 -27.56
N THR C 45 13.17 25.27 -27.40
CA THR C 45 13.78 26.12 -28.41
C THR C 45 14.95 25.37 -29.06
N ALA C 46 15.58 26.01 -30.04
CA ALA C 46 16.72 25.39 -30.70
C ALA C 46 17.91 25.27 -29.74
N GLU C 47 18.13 26.28 -28.91
CA GLU C 47 19.25 26.24 -27.97
C GLU C 47 19.04 25.18 -26.90
N GLY C 48 17.84 25.11 -26.34
CA GLY C 48 17.57 24.16 -25.28
C GLY C 48 16.19 24.28 -24.67
N LEU C 49 16.13 24.28 -23.34
CA LEU C 49 14.87 24.33 -22.61
C LEU C 49 14.79 25.64 -21.84
N ARG C 50 13.64 26.30 -21.94
CA ARG C 50 13.40 27.55 -21.22
C ARG C 50 12.19 27.39 -20.31
N PRO C 51 12.32 27.65 -19.02
CA PRO C 51 11.18 27.53 -18.11
C PRO C 51 10.29 28.76 -18.13
N VAL C 52 8.99 28.51 -18.00
CA VAL C 52 8.01 29.59 -18.01
C VAL C 52 7.06 29.57 -16.82
N LYS C 53 6.84 28.43 -16.16
CA LYS C 53 5.90 28.37 -15.06
C LYS C 53 6.15 27.10 -14.26
N GLU C 54 5.97 27.20 -12.94
CA GLU C 54 6.11 26.05 -12.05
C GLU C 54 5.13 26.24 -10.91
N VAL C 55 4.06 25.45 -10.89
CA VAL C 55 3.00 25.57 -9.91
C VAL C 55 2.96 24.28 -9.07
N GLY C 56 2.53 24.42 -7.82
CA GLY C 56 2.38 23.28 -6.94
C GLY C 56 0.96 22.74 -6.94
N MET C 57 0.82 21.48 -6.53
CA MET C 57 -0.46 20.81 -6.50
C MET C 57 -0.69 20.19 -5.12
N TYR C 58 -1.95 20.13 -4.72
CA TYR C 58 -2.34 19.51 -3.46
C TYR C 58 -2.59 18.03 -3.72
N GLY C 59 -1.60 17.21 -3.43
CA GLY C 59 -1.70 15.79 -3.70
C GLY C 59 -0.74 15.38 -4.81
N LYS C 60 -0.28 14.13 -4.73
CA LYS C 60 0.67 13.62 -5.71
C LYS C 60 0.00 13.42 -7.06
N ILE C 61 0.78 13.60 -8.13
CA ILE C 61 0.30 13.42 -9.50
C ILE C 61 0.60 11.99 -9.92
N ALA C 62 -0.42 11.28 -10.40
CA ALA C 62 -0.27 9.88 -10.76
C ALA C 62 -0.55 9.57 -12.23
N VAL C 63 -1.18 10.48 -12.96
CA VAL C 63 -1.46 10.25 -14.38
C VAL C 63 -1.68 11.60 -15.04
N MET C 64 -1.14 11.75 -16.26
CA MET C 64 -1.25 12.98 -17.01
C MET C 64 -1.62 12.66 -18.45
N GLU C 65 -2.52 13.44 -19.02
CA GLU C 65 -2.95 13.27 -20.40
C GLU C 65 -2.95 14.62 -21.10
N LEU C 66 -3.08 14.57 -22.42
CA LEU C 66 -3.04 15.79 -23.23
C LEU C 66 -3.84 15.53 -24.51
N PHE C 67 -5.05 16.06 -24.57
CA PHE C 67 -5.98 15.82 -25.66
C PHE C 67 -6.38 17.15 -26.31
N ARG C 68 -7.11 17.06 -27.41
CA ARG C 68 -7.55 18.24 -28.17
C ARG C 68 -8.98 18.03 -28.62
N PRO C 69 -9.95 18.61 -27.92
CA PRO C 69 -11.34 18.53 -28.37
C PRO C 69 -11.53 19.27 -29.68
N LYS C 70 -12.50 18.81 -30.46
CA LYS C 70 -12.80 19.44 -31.75
C LYS C 70 -13.29 20.86 -31.54
N GLY C 71 -12.79 21.77 -32.38
CA GLY C 71 -13.19 23.17 -32.29
C GLY C 71 -12.43 23.94 -31.24
N GLU C 72 -11.10 23.91 -31.31
CA GLU C 72 -10.26 24.61 -30.35
C GLU C 72 -8.89 24.82 -30.96
N SER C 73 -8.08 25.65 -30.31
CA SER C 73 -6.73 25.96 -30.77
C SER C 73 -5.66 25.35 -29.87
N LYS C 74 -5.73 25.62 -28.57
CA LYS C 74 -4.77 25.07 -27.62
C LYS C 74 -5.38 23.88 -26.89
N ASP C 75 -4.53 22.95 -26.48
CA ASP C 75 -5.00 21.73 -25.85
C ASP C 75 -5.30 21.96 -24.37
N LEU C 76 -5.87 20.94 -23.74
CA LEU C 76 -6.25 20.98 -22.34
C LEU C 76 -5.62 19.82 -21.59
N LEU C 77 -5.19 20.08 -20.36
CA LEU C 77 -4.55 19.08 -19.53
C LEU C 77 -5.58 18.23 -18.79
N PHE C 78 -5.09 17.17 -18.15
CA PHE C 78 -5.94 16.28 -17.35
C PHE C 78 -5.05 15.61 -16.32
N ILE C 79 -5.23 15.96 -15.05
CA ILE C 79 -4.43 15.43 -13.96
C ILE C 79 -5.35 14.80 -12.93
N LEU C 80 -5.03 13.58 -12.52
CA LEU C 80 -5.76 12.88 -11.47
C LEU C 80 -4.83 12.59 -10.32
N THR C 81 -5.22 13.02 -9.12
CA THR C 81 -4.43 12.84 -7.92
C THR C 81 -4.56 11.40 -7.42
N ALA C 82 -3.47 10.91 -6.80
CA ALA C 82 -3.52 9.59 -6.18
C ALA C 82 -4.58 9.49 -5.10
N LYS C 83 -5.00 10.63 -4.53
CA LYS C 83 -6.13 10.68 -3.63
C LYS C 83 -7.47 10.68 -4.37
N TYR C 84 -7.46 10.30 -5.65
CA TYR C 84 -8.65 10.19 -6.47
C TYR C 84 -9.36 11.55 -6.61
N ASN C 85 -8.63 12.50 -7.17
CA ASN C 85 -9.19 13.77 -7.59
C ASN C 85 -9.21 13.85 -9.11
N ALA C 86 -9.77 14.92 -9.64
CA ALA C 86 -9.85 15.10 -11.09
C ALA C 86 -9.97 16.58 -11.40
N CYS C 87 -9.37 16.98 -12.52
CA CYS C 87 -9.40 18.36 -12.95
C CYS C 87 -9.00 18.44 -14.42
N ILE C 88 -9.58 19.41 -15.13
CA ILE C 88 -9.22 19.72 -16.50
C ILE C 88 -8.83 21.19 -16.55
N LEU C 89 -7.60 21.47 -16.94
CA LEU C 89 -7.04 22.80 -16.88
C LEU C 89 -6.75 23.33 -18.28
N GLU C 90 -6.49 24.64 -18.36
CA GLU C 90 -6.13 25.29 -19.60
C GLU C 90 -5.01 26.29 -19.30
N TYR C 91 -4.65 27.10 -20.30
CA TYR C 91 -3.59 28.08 -20.15
C TYR C 91 -4.09 29.42 -20.65
N LYS C 92 -3.89 30.47 -19.85
CA LYS C 92 -4.33 31.81 -20.21
C LYS C 92 -3.15 32.78 -20.07
N GLN C 93 -2.95 33.60 -21.09
CA GLN C 93 -1.88 34.60 -21.12
C GLN C 93 -2.53 35.97 -21.08
N SER C 94 -2.77 36.48 -19.87
CA SER C 94 -3.38 37.79 -19.68
C SER C 94 -2.27 38.82 -19.53
N GLY C 95 -1.93 39.48 -20.63
CA GLY C 95 -0.88 40.48 -20.63
C GLY C 95 0.47 39.92 -20.22
N GLU C 96 0.96 40.37 -19.07
CA GLU C 96 2.23 39.90 -18.52
C GLU C 96 2.03 38.86 -17.41
N SER C 97 0.81 38.41 -17.21
CA SER C 97 0.48 37.44 -16.17
C SER C 97 0.05 36.11 -16.81
N ILE C 98 0.41 35.02 -16.15
CA ILE C 98 0.11 33.67 -16.64
C ILE C 98 -0.50 32.89 -15.48
N ASP C 99 -1.79 32.59 -15.58
CA ASP C 99 -2.50 31.79 -14.58
C ASP C 99 -3.16 30.59 -15.26
N ILE C 100 -3.51 29.61 -14.45
CA ILE C 100 -4.09 28.36 -14.92
C ILE C 100 -5.56 28.34 -14.53
N ILE C 101 -6.43 28.23 -15.52
CA ILE C 101 -7.87 28.22 -15.28
C ILE C 101 -8.36 26.78 -15.19
N THR C 102 -9.35 26.56 -14.33
CA THR C 102 -9.97 25.25 -14.15
C THR C 102 -11.34 25.25 -14.81
N ARG C 103 -11.61 24.21 -15.60
CA ARG C 103 -12.88 24.10 -16.31
C ARG C 103 -13.78 23.00 -15.77
N ALA C 104 -13.23 21.91 -15.25
CA ALA C 104 -14.04 20.85 -14.67
C ALA C 104 -13.26 20.23 -13.52
N HIS C 105 -13.95 19.95 -12.42
CA HIS C 105 -13.32 19.37 -11.25
C HIS C 105 -14.34 18.47 -10.55
N GLY C 106 -13.83 17.40 -9.94
CA GLY C 106 -14.71 16.49 -9.24
C GLY C 106 -13.94 15.42 -8.52
N ASN C 107 -14.69 14.48 -7.94
CA ASN C 107 -14.10 13.37 -7.20
C ASN C 107 -14.66 12.07 -7.73
N VAL C 108 -13.78 11.12 -8.01
CA VAL C 108 -14.17 9.79 -8.47
C VAL C 108 -13.52 8.79 -7.52
N GLN C 109 -14.35 8.15 -6.69
CA GLN C 109 -13.86 7.19 -5.72
C GLN C 109 -14.97 6.20 -5.38
N ASP C 110 -14.63 4.92 -5.34
CA ASP C 110 -15.56 3.87 -4.93
C ASP C 110 -15.06 3.25 -3.65
N ARG C 111 -15.94 3.15 -2.66
CA ARG C 111 -15.58 2.65 -1.33
C ARG C 111 -15.73 1.14 -1.20
N ILE C 112 -15.67 0.40 -2.30
CA ILE C 112 -15.87 -1.04 -2.30
C ILE C 112 -14.66 -1.78 -2.86
N GLY C 113 -14.20 -1.36 -4.05
CA GLY C 113 -13.15 -2.11 -4.73
C GLY C 113 -11.81 -1.98 -4.05
N ARG C 114 -11.01 -3.03 -4.18
CA ARG C 114 -9.65 -3.05 -3.68
C ARG C 114 -8.71 -2.45 -4.72
N PRO C 115 -7.56 -1.92 -4.29
CA PRO C 115 -6.58 -1.41 -5.27
C PRO C 115 -5.76 -2.54 -5.87
N SER C 116 -5.75 -2.61 -7.20
CA SER C 116 -5.03 -3.66 -7.89
C SER C 116 -3.52 -3.45 -7.74
N GLU C 117 -2.78 -4.55 -7.89
CA GLU C 117 -1.32 -4.52 -7.74
C GLU C 117 -0.63 -4.23 -9.07
N THR C 118 -1.10 -3.19 -9.76
CA THR C 118 -0.45 -2.70 -10.97
C THR C 118 -0.31 -1.19 -11.02
N GLY C 119 -1.09 -0.43 -10.26
CA GLY C 119 -1.07 1.02 -10.31
C GLY C 119 -2.28 1.58 -11.03
N ILE C 120 -2.43 2.89 -10.91
CA ILE C 120 -3.53 3.59 -11.55
C ILE C 120 -3.19 3.79 -13.03
N ILE C 121 -4.10 3.38 -13.91
CA ILE C 121 -3.89 3.47 -15.34
C ILE C 121 -4.92 4.40 -15.94
N GLY C 122 -4.46 5.35 -16.75
CA GLY C 122 -5.34 6.30 -17.40
C GLY C 122 -5.14 6.39 -18.89
N ILE C 123 -6.20 6.14 -19.65
CA ILE C 123 -6.14 6.16 -21.12
C ILE C 123 -7.27 7.06 -21.61
N ILE C 124 -7.00 7.81 -22.67
CA ILE C 124 -7.96 8.74 -23.24
C ILE C 124 -8.19 8.39 -24.70
N ASP C 125 -9.45 8.51 -25.13
CA ASP C 125 -9.81 8.17 -26.50
C ASP C 125 -9.10 9.11 -27.48
N PRO C 126 -8.46 8.57 -28.52
CA PRO C 126 -7.83 9.45 -29.52
C PRO C 126 -8.81 10.36 -30.23
N GLU C 127 -10.08 9.99 -30.31
CA GLU C 127 -11.10 10.84 -30.91
C GLU C 127 -11.69 11.84 -29.92
N CYS C 128 -11.21 11.84 -28.68
CA CYS C 128 -11.63 12.79 -27.65
C CYS C 128 -13.13 12.67 -27.38
N ARG C 129 -13.55 11.45 -27.04
CA ARG C 129 -14.93 11.19 -26.66
C ARG C 129 -15.07 10.43 -25.34
N MET C 130 -14.01 9.83 -24.83
CA MET C 130 -14.09 8.98 -23.65
C MET C 130 -12.81 9.13 -22.84
N ILE C 131 -12.91 8.79 -21.55
CA ILE C 131 -11.75 8.71 -20.67
C ILE C 131 -11.86 7.45 -19.85
N GLY C 132 -10.81 6.63 -19.86
CA GLY C 132 -10.78 5.36 -19.14
C GLY C 132 -9.96 5.49 -17.87
N LEU C 133 -10.44 4.85 -16.81
CA LEU C 133 -9.77 4.88 -15.50
C LEU C 133 -9.89 3.50 -14.88
N ARG C 134 -8.78 2.76 -14.86
CA ARG C 134 -8.73 1.44 -14.23
C ARG C 134 -8.20 1.63 -12.82
N LEU C 135 -9.12 1.83 -11.87
CA LEU C 135 -8.76 2.10 -10.48
C LEU C 135 -8.73 0.82 -9.64
N TYR C 136 -9.85 0.11 -9.60
CA TYR C 136 -9.97 -1.10 -8.78
C TYR C 136 -10.04 -2.33 -9.66
N ASP C 137 -9.76 -3.48 -9.06
CA ASP C 137 -9.72 -4.73 -9.82
C ASP C 137 -11.11 -5.12 -10.30
N GLY C 138 -11.22 -5.43 -11.58
CA GLY C 138 -12.48 -5.86 -12.15
C GLY C 138 -13.50 -4.77 -12.36
N LEU C 139 -13.12 -3.51 -12.15
CA LEU C 139 -14.04 -2.39 -12.31
C LEU C 139 -13.46 -1.41 -13.32
N PHE C 140 -14.21 -1.11 -14.37
CA PHE C 140 -13.85 -0.08 -15.31
C PHE C 140 -14.64 1.19 -15.01
N LYS C 141 -14.11 2.32 -15.48
CA LYS C 141 -14.76 3.61 -15.24
C LYS C 141 -14.70 4.43 -16.51
N VAL C 142 -15.84 5.01 -16.88
CA VAL C 142 -15.97 5.78 -18.12
C VAL C 142 -16.47 7.18 -17.76
N ILE C 143 -15.80 8.19 -18.29
CA ILE C 143 -16.20 9.57 -18.08
C ILE C 143 -16.56 10.20 -19.43
N PRO C 144 -17.83 10.46 -19.69
CA PRO C 144 -18.21 11.09 -20.96
C PRO C 144 -17.72 12.52 -21.06
N LEU C 145 -17.50 12.96 -22.28
CA LEU C 145 -17.02 14.32 -22.56
C LEU C 145 -17.92 14.93 -23.63
N ASP C 146 -18.87 15.76 -23.20
CA ASP C 146 -19.79 16.40 -24.13
C ASP C 146 -20.00 17.88 -23.76
N ARG C 147 -19.01 18.50 -23.13
CA ARG C 147 -19.08 19.90 -22.72
C ARG C 147 -20.27 20.17 -21.80
N ASP C 148 -20.71 19.14 -21.08
CA ASP C 148 -21.83 19.29 -20.15
C ASP C 148 -21.50 18.66 -18.81
N ASN C 149 -20.51 17.76 -18.79
CA ASN C 149 -20.09 17.09 -17.56
C ASN C 149 -19.11 17.99 -16.81
N LYS C 150 -19.66 19.09 -16.29
CA LYS C 150 -18.88 20.05 -15.51
C LYS C 150 -18.49 19.51 -14.14
N GLU C 151 -19.11 18.43 -13.68
CA GLU C 151 -18.78 17.83 -12.41
C GLU C 151 -18.14 16.45 -12.56
N LEU C 152 -17.92 15.99 -13.79
CA LEU C 152 -17.21 14.75 -14.09
C LEU C 152 -17.90 13.54 -13.44
N LYS C 153 -19.12 13.29 -13.92
CA LYS C 153 -19.83 12.09 -13.52
C LYS C 153 -19.18 10.86 -14.14
N ALA C 154 -19.46 9.69 -13.55
CA ALA C 154 -18.90 8.44 -14.03
C ALA C 154 -19.86 7.31 -13.69
N PHE C 155 -19.69 6.19 -14.41
CA PHE C 155 -20.50 5.01 -14.18
C PHE C 155 -19.60 3.79 -14.35
N ASN C 156 -19.59 2.90 -13.36
CA ASN C 156 -18.70 1.76 -13.38
C ASN C 156 -19.29 0.61 -14.20
N ILE C 157 -18.42 -0.16 -14.82
CA ILE C 157 -18.80 -1.34 -15.59
C ILE C 157 -18.04 -2.54 -15.04
N ARG C 158 -18.70 -3.69 -15.03
CA ARG C 158 -18.14 -4.91 -14.47
C ARG C 158 -17.18 -5.57 -15.45
N LEU C 159 -16.08 -6.10 -14.93
CA LEU C 159 -15.10 -6.84 -15.71
C LEU C 159 -14.92 -8.22 -15.08
N GLU C 160 -15.06 -9.27 -15.89
CA GLU C 160 -14.93 -10.63 -15.38
C GLU C 160 -13.47 -10.99 -15.11
N GLU C 161 -12.56 -10.53 -15.96
CA GLU C 161 -11.14 -10.86 -15.82
C GLU C 161 -10.54 -9.99 -14.73
N LEU C 162 -10.07 -10.63 -13.66
CA LEU C 162 -9.56 -9.88 -12.50
C LEU C 162 -8.21 -9.26 -12.81
N HIS C 163 -7.22 -10.09 -13.12
CA HIS C 163 -5.85 -9.61 -13.32
C HIS C 163 -5.73 -8.96 -14.69
N VAL C 164 -5.44 -7.66 -14.70
CA VAL C 164 -5.25 -6.90 -15.93
C VAL C 164 -3.93 -6.15 -15.82
N ILE C 165 -3.14 -6.18 -16.89
CA ILE C 165 -1.80 -5.61 -16.87
C ILE C 165 -1.76 -4.24 -17.54
N ASP C 166 -2.15 -4.15 -18.81
CA ASP C 166 -2.07 -2.90 -19.54
C ASP C 166 -3.30 -2.76 -20.44
N VAL C 167 -3.82 -1.54 -20.53
CA VAL C 167 -5.00 -1.24 -21.33
C VAL C 167 -4.69 -0.04 -22.22
N LYS C 168 -5.09 -0.11 -23.48
CA LYS C 168 -4.88 0.99 -24.40
C LYS C 168 -6.05 1.07 -25.39
N PHE C 169 -6.20 2.24 -26.00
CA PHE C 169 -7.26 2.50 -26.97
C PHE C 169 -6.72 2.35 -28.38
N LEU C 170 -7.48 1.65 -29.22
CA LEU C 170 -7.05 1.42 -30.60
C LEU C 170 -7.39 2.62 -31.48
N TYR C 171 -6.73 2.67 -32.62
CA TYR C 171 -6.94 3.72 -33.62
C TYR C 171 -7.78 3.18 -34.77
N GLY C 172 -8.29 4.11 -35.58
CA GLY C 172 -9.02 3.77 -36.79
C GLY C 172 -10.24 2.89 -36.57
N CYS C 173 -11.24 3.43 -35.89
CA CYS C 173 -12.48 2.69 -35.63
C CYS C 173 -13.65 3.66 -35.68
N GLN C 174 -14.84 3.10 -35.94
CA GLN C 174 -16.07 3.87 -35.97
C GLN C 174 -16.74 3.93 -34.60
N ALA C 175 -16.14 3.30 -33.59
CA ALA C 175 -16.67 3.31 -32.24
C ALA C 175 -15.52 3.09 -31.28
N PRO C 176 -15.62 3.56 -30.03
CA PRO C 176 -14.53 3.35 -29.07
C PRO C 176 -14.33 1.86 -28.79
N THR C 177 -13.08 1.42 -28.88
CA THR C 177 -12.71 0.04 -28.62
C THR C 177 -11.44 0.01 -27.79
N ILE C 178 -11.34 -1.01 -26.93
CA ILE C 178 -10.18 -1.17 -26.06
C ILE C 178 -9.62 -2.59 -26.24
N CYS C 179 -8.35 -2.73 -25.90
CA CYS C 179 -7.70 -4.03 -25.87
C CYS C 179 -6.76 -4.06 -24.67
N PHE C 180 -6.55 -5.26 -24.13
CA PHE C 180 -5.76 -5.40 -22.92
C PHE C 180 -5.21 -6.81 -22.84
N VAL C 181 -4.38 -7.04 -21.83
CA VAL C 181 -3.78 -8.35 -21.57
C VAL C 181 -4.18 -8.76 -20.16
N TYR C 182 -4.94 -9.84 -20.05
CA TYR C 182 -5.37 -10.38 -18.77
C TYR C 182 -4.63 -11.68 -18.48
N GLN C 183 -4.61 -12.04 -17.19
CA GLN C 183 -3.85 -13.20 -16.75
C GLN C 183 -4.74 -14.11 -15.91
N ASP C 184 -4.59 -15.42 -16.12
CA ASP C 184 -5.30 -16.43 -15.36
C ASP C 184 -4.40 -17.64 -15.26
N PRO C 185 -4.77 -18.64 -14.45
CA PRO C 185 -3.89 -19.82 -14.32
C PRO C 185 -3.90 -20.72 -15.54
N GLN C 186 -3.73 -20.13 -16.72
CA GLN C 186 -3.50 -20.83 -17.97
C GLN C 186 -2.41 -20.17 -18.81
N GLY C 187 -2.13 -18.90 -18.56
CA GLY C 187 -1.22 -18.12 -19.38
C GLY C 187 -1.95 -16.87 -19.85
N ARG C 188 -1.20 -15.77 -19.95
CA ARG C 188 -1.80 -14.50 -20.33
C ARG C 188 -2.29 -14.54 -21.78
N HIS C 189 -3.42 -13.88 -22.03
CA HIS C 189 -3.96 -13.72 -23.36
C HIS C 189 -4.31 -12.25 -23.59
N VAL C 190 -4.72 -11.94 -24.82
CA VAL C 190 -5.13 -10.59 -25.19
C VAL C 190 -6.55 -10.67 -25.72
N LYS C 191 -7.43 -9.84 -25.16
CA LYS C 191 -8.82 -9.77 -25.58
C LYS C 191 -9.22 -8.31 -25.73
N THR C 192 -10.20 -8.07 -26.60
CA THR C 192 -10.65 -6.72 -26.89
C THR C 192 -12.17 -6.63 -26.80
N TYR C 193 -12.66 -5.51 -26.30
CA TYR C 193 -14.08 -5.23 -26.18
C TYR C 193 -14.43 -3.98 -26.97
N GLU C 194 -15.68 -3.55 -26.85
CA GLU C 194 -16.16 -2.34 -27.51
C GLU C 194 -17.05 -1.59 -26.54
N VAL C 195 -16.59 -0.43 -26.07
CA VAL C 195 -17.33 0.33 -25.08
C VAL C 195 -18.44 1.11 -25.76
N SER C 196 -19.65 1.00 -25.21
CA SER C 196 -20.80 1.74 -25.69
C SER C 196 -21.18 2.78 -24.64
N LEU C 197 -21.14 4.06 -25.04
CA LEU C 197 -21.44 5.16 -24.14
C LEU C 197 -22.92 5.53 -24.15
N ARG C 198 -23.73 4.81 -24.93
CA ARG C 198 -25.17 5.01 -24.94
C ARG C 198 -25.94 3.88 -24.28
N GLU C 199 -25.28 2.78 -23.91
CA GLU C 199 -25.93 1.68 -23.23
C GLU C 199 -25.14 1.16 -22.02
N LYS C 200 -23.92 1.63 -21.81
CA LYS C 200 -23.09 1.24 -20.67
C LYS C 200 -22.86 -0.27 -20.63
N GLU C 201 -22.23 -0.77 -21.69
CA GLU C 201 -21.90 -2.19 -21.77
C GLU C 201 -20.82 -2.39 -22.82
N PHE C 202 -20.10 -3.51 -22.70
CA PHE C 202 -19.10 -3.89 -23.70
C PHE C 202 -19.79 -4.74 -24.77
N ASN C 203 -19.88 -4.21 -25.98
CA ASN C 203 -20.84 -4.77 -26.94
C ASN C 203 -20.31 -6.00 -27.66
N LYS C 204 -19.29 -5.84 -28.51
CA LYS C 204 -18.91 -6.94 -29.38
C LYS C 204 -17.46 -7.40 -29.24
N GLY C 205 -16.53 -6.48 -29.43
CA GLY C 205 -15.14 -6.83 -29.62
C GLY C 205 -14.85 -7.10 -31.09
N PRO C 206 -13.84 -6.42 -31.64
CA PRO C 206 -13.59 -6.50 -33.09
C PRO C 206 -12.84 -7.72 -33.58
N TRP C 207 -12.12 -8.44 -32.71
CA TRP C 207 -11.39 -9.62 -33.17
C TRP C 207 -11.25 -10.61 -32.01
N LYS C 208 -10.92 -11.85 -32.37
CA LYS C 208 -10.84 -12.93 -31.41
C LYS C 208 -9.57 -12.83 -30.56
N GLN C 209 -9.55 -13.59 -29.48
CA GLN C 209 -8.42 -13.58 -28.56
C GLN C 209 -7.28 -14.45 -29.10
N GLU C 210 -6.09 -14.23 -28.54
CA GLU C 210 -4.90 -14.98 -28.92
C GLU C 210 -4.19 -15.52 -27.70
N ASN C 211 -2.99 -16.07 -27.89
CA ASN C 211 -2.16 -16.55 -26.80
C ASN C 211 -0.78 -15.90 -26.93
N VAL C 212 -0.27 -15.35 -25.83
CA VAL C 212 1.00 -14.64 -25.85
C VAL C 212 1.98 -15.34 -24.92
N GLU C 213 3.19 -14.80 -24.82
CA GLU C 213 4.22 -15.37 -23.97
C GLU C 213 3.85 -15.18 -22.49
N ALA C 214 4.71 -15.68 -21.61
CA ALA C 214 4.46 -15.65 -20.18
C ALA C 214 4.96 -14.38 -19.50
N GLU C 215 5.48 -13.42 -20.26
CA GLU C 215 6.00 -12.20 -19.64
C GLU C 215 5.57 -10.94 -20.40
N ALA C 216 4.52 -11.01 -21.22
CA ALA C 216 4.05 -9.82 -21.91
C ALA C 216 3.46 -8.83 -20.92
N SER C 217 3.92 -7.58 -20.98
CA SER C 217 3.49 -6.59 -20.00
C SER C 217 3.25 -5.21 -20.60
N MET C 218 3.19 -5.07 -21.92
CA MET C 218 3.02 -3.76 -22.52
C MET C 218 2.19 -3.88 -23.80
N VAL C 219 1.39 -2.86 -24.06
CA VAL C 219 0.54 -2.79 -25.25
C VAL C 219 0.73 -1.43 -25.90
N ILE C 220 1.00 -1.42 -27.20
CA ILE C 220 1.25 -0.21 -27.97
C ILE C 220 0.28 -0.15 -29.13
N ALA C 221 -0.38 1.00 -29.30
CA ALA C 221 -1.33 1.21 -30.38
C ALA C 221 -0.66 2.00 -31.49
N VAL C 222 -0.63 1.42 -32.68
CA VAL C 222 -0.01 2.05 -33.85
C VAL C 222 -0.95 3.10 -34.42
N PRO C 223 -0.45 4.06 -35.20
CA PRO C 223 -1.34 5.12 -35.72
C PRO C 223 -2.28 4.65 -36.82
N GLU C 224 -3.01 5.60 -37.39
CA GLU C 224 -4.08 5.29 -38.35
C GLU C 224 -3.61 4.55 -39.59
N PRO C 225 -2.55 4.99 -40.30
CA PRO C 225 -2.26 4.37 -41.62
C PRO C 225 -1.87 2.90 -41.55
N PHE C 226 -1.65 2.34 -40.37
CA PHE C 226 -1.33 0.93 -40.23
C PHE C 226 -2.44 0.15 -39.53
N GLY C 227 -2.85 0.58 -38.33
CA GLY C 227 -3.88 -0.11 -37.60
C GLY C 227 -3.40 -1.37 -36.91
N GLY C 228 -3.83 -1.61 -35.68
CA GLY C 228 -3.46 -2.78 -34.94
C GLY C 228 -2.84 -2.42 -33.62
N ALA C 229 -2.17 -3.39 -33.01
CA ALA C 229 -1.54 -3.20 -31.72
C ALA C 229 -0.21 -3.95 -31.69
N ILE C 230 0.69 -3.48 -30.83
CA ILE C 230 2.02 -4.06 -30.69
C ILE C 230 2.21 -4.48 -29.23
N ILE C 231 2.59 -5.73 -29.03
CA ILE C 231 2.86 -6.27 -27.69
C ILE C 231 4.33 -6.63 -27.61
N ILE C 232 5.01 -6.12 -26.59
CA ILE C 232 6.43 -6.33 -26.39
C ILE C 232 6.60 -7.07 -25.07
N GLY C 233 7.27 -8.22 -25.13
CA GLY C 233 7.54 -9.03 -23.95
C GLY C 233 8.99 -9.48 -23.90
N GLN C 234 9.29 -10.28 -22.88
CA GLN C 234 10.63 -10.82 -22.72
C GLN C 234 10.96 -11.77 -23.87
N GLU C 235 11.88 -11.35 -24.74
CA GLU C 235 12.31 -12.14 -25.89
C GLU C 235 11.14 -12.49 -26.81
N SER C 236 10.20 -11.57 -26.97
CA SER C 236 9.06 -11.80 -27.85
C SER C 236 8.44 -10.46 -28.23
N ILE C 237 8.54 -10.11 -29.51
CA ILE C 237 7.90 -8.92 -30.06
C ILE C 237 6.85 -9.39 -31.05
N THR C 238 5.58 -9.14 -30.75
CA THR C 238 4.48 -9.70 -31.51
C THR C 238 3.65 -8.60 -32.16
N TYR C 239 2.83 -9.00 -33.12
CA TYR C 239 1.94 -8.11 -33.83
C TYR C 239 0.63 -8.84 -34.14
N HIS C 240 -0.50 -8.21 -33.81
CA HIS C 240 -1.82 -8.76 -34.11
C HIS C 240 -2.70 -7.66 -34.65
N ASN C 241 -3.33 -7.91 -35.80
CA ASN C 241 -4.26 -6.96 -36.40
C ASN C 241 -5.19 -7.72 -37.33
N GLY C 242 -6.43 -7.93 -36.91
CA GLY C 242 -7.41 -8.63 -37.72
C GLY C 242 -6.95 -10.01 -38.12
N ASP C 243 -6.64 -10.20 -39.40
CA ASP C 243 -6.07 -11.44 -39.91
C ASP C 243 -4.66 -11.10 -40.38
N LYS C 244 -3.71 -11.09 -39.45
CA LYS C 244 -2.32 -10.78 -39.70
C LYS C 244 -1.53 -11.12 -38.44
N TYR C 245 -0.31 -11.64 -38.63
CA TYR C 245 0.50 -12.07 -37.50
C TYR C 245 1.97 -12.03 -37.91
N LEU C 246 2.71 -11.07 -37.36
CA LEU C 246 4.15 -10.97 -37.56
C LEU C 246 4.85 -11.00 -36.22
N ALA C 247 5.94 -11.76 -36.15
CA ALA C 247 6.66 -11.93 -34.90
C ALA C 247 8.16 -12.01 -35.18
N ILE C 248 8.95 -11.57 -34.20
CA ILE C 248 10.40 -11.63 -34.25
C ILE C 248 10.91 -12.06 -32.89
N ALA C 249 12.18 -12.48 -32.85
CA ALA C 249 12.82 -12.92 -31.61
C ALA C 249 14.29 -12.54 -31.65
N PRO C 250 14.60 -11.25 -31.48
CA PRO C 250 15.99 -10.82 -31.48
C PRO C 250 16.70 -11.29 -30.22
N PRO C 251 18.01 -11.53 -30.29
CA PRO C 251 18.77 -11.95 -29.11
C PRO C 251 19.40 -10.83 -28.31
N ILE C 252 19.22 -9.57 -28.72
CA ILE C 252 19.85 -8.44 -28.05
C ILE C 252 18.86 -7.85 -27.05
N ILE C 253 17.75 -8.56 -26.83
CA ILE C 253 16.68 -8.09 -25.96
C ILE C 253 16.48 -9.04 -24.78
N LYS C 254 17.40 -9.98 -24.58
CA LYS C 254 17.23 -11.04 -23.60
C LYS C 254 17.67 -10.64 -22.19
N GLN C 255 18.79 -9.91 -22.08
CA GLN C 255 19.39 -9.68 -20.77
C GLN C 255 18.53 -8.81 -19.86
N SER C 256 17.69 -7.93 -20.40
CA SER C 256 16.92 -7.01 -19.59
C SER C 256 15.52 -6.85 -20.17
N THR C 257 14.59 -6.47 -19.30
CA THR C 257 13.20 -6.24 -19.69
C THR C 257 13.00 -4.80 -20.14
N ILE C 258 11.90 -4.57 -20.84
CA ILE C 258 11.57 -3.26 -21.39
C ILE C 258 10.58 -2.58 -20.46
N VAL C 259 10.78 -1.27 -20.25
CA VAL C 259 9.97 -0.51 -19.31
C VAL C 259 9.12 0.53 -20.03
N CYS C 260 9.77 1.44 -20.76
CA CYS C 260 9.10 2.60 -21.33
C CYS C 260 9.11 2.56 -22.85
N HIS C 261 8.33 3.46 -23.43
CA HIS C 261 8.22 3.59 -24.88
C HIS C 261 7.74 5.00 -25.21
N ASN C 262 8.02 5.44 -26.43
CA ASN C 262 7.60 6.76 -26.88
C ASN C 262 7.67 6.80 -28.40
N ARG C 263 6.60 7.29 -29.03
CA ARG C 263 6.56 7.40 -30.48
C ARG C 263 7.46 8.54 -30.96
N VAL C 264 8.05 8.35 -32.14
CA VAL C 264 8.97 9.32 -32.72
C VAL C 264 8.35 10.00 -33.93
N ASP C 265 8.05 9.25 -34.97
CA ASP C 265 7.46 9.85 -36.15
C ASP C 265 5.94 9.91 -36.03
N PRO C 266 5.30 10.89 -36.66
CA PRO C 266 3.83 10.97 -36.63
C PRO C 266 3.12 9.88 -37.42
N ASN C 267 3.85 8.98 -38.07
CA ASN C 267 3.26 7.90 -38.82
C ASN C 267 3.45 6.53 -38.17
N GLY C 268 4.33 6.42 -37.17
CA GLY C 268 4.57 5.17 -36.50
C GLY C 268 5.73 4.36 -37.05
N SER C 269 6.56 4.93 -37.92
CA SER C 269 7.66 4.20 -38.53
C SER C 269 8.90 4.15 -37.64
N ARG C 270 8.89 4.81 -36.49
CA ARG C 270 10.05 4.84 -35.62
C ARG C 270 9.59 4.86 -34.17
N TYR C 271 10.18 3.99 -33.34
CA TYR C 271 9.81 3.90 -31.94
C TYR C 271 11.07 3.84 -31.07
N LEU C 272 10.92 4.25 -29.83
CA LEU C 272 11.98 4.21 -28.84
C LEU C 272 11.64 3.25 -27.72
N LEU C 273 12.63 2.54 -27.23
CA LEU C 273 12.45 1.58 -26.15
C LEU C 273 13.56 1.73 -25.13
N GLY C 274 13.26 1.33 -23.89
CA GLY C 274 14.21 1.42 -22.80
C GLY C 274 14.27 0.13 -22.01
N ASP C 275 15.22 0.08 -21.09
CA ASP C 275 15.42 -1.08 -20.23
C ASP C 275 16.06 -0.62 -18.93
N MET C 276 15.99 -1.46 -17.91
CA MET C 276 16.56 -1.08 -16.62
C MET C 276 18.04 -1.43 -16.54
N GLU C 277 18.76 -1.07 -17.60
CA GLU C 277 20.22 -1.07 -17.60
C GLU C 277 20.78 0.07 -18.43
N GLY C 278 19.95 0.96 -18.95
CA GLY C 278 20.34 1.86 -20.02
C GLY C 278 19.77 1.34 -21.33
N ARG C 279 20.63 1.11 -22.31
CA ARG C 279 20.27 0.39 -23.54
C ARG C 279 19.09 1.07 -24.25
N LEU C 280 19.34 2.30 -24.70
CA LEU C 280 18.36 2.99 -25.52
C LEU C 280 18.15 2.23 -26.82
N PHE C 281 16.98 1.63 -26.99
CA PHE C 281 16.71 0.79 -28.15
C PHE C 281 15.99 1.61 -29.22
N MET C 282 15.67 0.95 -30.34
CA MET C 282 15.06 1.64 -31.48
C MET C 282 14.32 0.61 -32.32
N LEU C 283 13.03 0.83 -32.53
CA LEU C 283 12.20 -0.06 -33.33
C LEU C 283 12.00 0.53 -34.73
N LEU C 284 11.85 -0.35 -35.70
CA LEU C 284 11.68 0.05 -37.09
C LEU C 284 10.52 -0.69 -37.72
N LEU C 285 9.81 0.00 -38.60
CA LEU C 285 8.69 -0.58 -39.34
C LEU C 285 8.93 -0.38 -40.84
N GLU C 286 8.48 -1.35 -41.62
CA GLU C 286 8.65 -1.33 -43.07
C GLU C 286 7.30 -1.20 -43.75
N LYS C 287 7.22 -0.33 -44.74
CA LYS C 287 6.01 -0.08 -45.49
C LYS C 287 6.09 -0.67 -46.89
N GLU C 288 4.94 -1.11 -47.40
CA GLU C 288 4.89 -1.72 -48.73
C GLU C 288 3.46 -1.52 -49.28
N GLU C 289 3.34 -0.67 -50.28
CA GLU C 289 2.05 -0.47 -50.93
C GLU C 289 1.65 -1.72 -51.71
N GLN C 290 0.36 -2.04 -51.68
CA GLN C 290 -0.17 -3.23 -52.34
C GLN C 290 -1.08 -2.79 -53.49
N MET C 291 -0.48 -2.59 -54.66
CA MET C 291 -1.20 -2.17 -55.85
C MET C 291 -2.07 -0.95 -55.60
N ASP C 292 -3.38 -1.16 -55.51
CA ASP C 292 -4.35 -0.10 -55.23
C ASP C 292 -5.01 -0.43 -53.89
N GLY C 293 -4.41 0.04 -52.81
CA GLY C 293 -4.93 -0.24 -51.49
C GLY C 293 -4.10 0.42 -50.42
N THR C 294 -4.27 -0.05 -49.19
CA THR C 294 -3.58 0.50 -48.04
C THR C 294 -2.16 -0.06 -47.98
N VAL C 295 -1.47 0.18 -46.87
CA VAL C 295 -0.10 -0.25 -46.68
C VAL C 295 -0.08 -1.43 -45.72
N THR C 296 0.78 -2.41 -46.00
CA THR C 296 0.92 -3.59 -45.17
C THR C 296 2.37 -3.74 -44.76
N LEU C 297 2.61 -3.96 -43.46
CA LEU C 297 3.97 -4.09 -42.96
C LEU C 297 4.59 -5.39 -43.45
N LYS C 298 5.91 -5.37 -43.62
CA LYS C 298 6.66 -6.52 -44.10
C LYS C 298 7.46 -7.20 -42.99
N ASP C 299 8.22 -6.43 -42.22
CA ASP C 299 9.06 -7.00 -41.17
C ASP C 299 9.35 -5.93 -40.13
N LEU C 300 9.85 -6.38 -38.98
CA LEU C 300 10.23 -5.50 -37.88
C LEU C 300 11.67 -5.78 -37.50
N ARG C 301 12.36 -4.74 -37.05
CA ARG C 301 13.77 -4.86 -36.73
C ARG C 301 14.12 -3.88 -35.61
N VAL C 302 14.93 -4.34 -34.67
CA VAL C 302 15.35 -3.54 -33.53
C VAL C 302 16.88 -3.49 -33.49
N GLU C 303 17.41 -2.29 -33.29
CA GLU C 303 18.85 -2.08 -33.27
C GLU C 303 19.24 -1.24 -32.07
N LEU C 304 20.48 -1.43 -31.62
CA LEU C 304 21.00 -0.73 -30.46
C LEU C 304 21.32 0.73 -30.81
N LEU C 305 21.34 1.57 -29.78
CA LEU C 305 21.69 2.98 -29.96
C LEU C 305 22.68 3.51 -28.93
N GLY C 306 22.90 2.82 -27.81
CA GLY C 306 23.83 3.30 -26.80
C GLY C 306 23.37 3.04 -25.38
N GLU C 307 23.87 3.84 -24.43
CA GLU C 307 23.53 3.68 -23.03
C GLU C 307 23.19 5.03 -22.42
N THR C 308 22.26 5.00 -21.46
CA THR C 308 21.84 6.19 -20.73
C THR C 308 21.63 5.79 -19.28
N SER C 309 20.98 6.65 -18.51
CA SER C 309 20.62 6.33 -17.14
C SER C 309 19.34 5.52 -17.09
N ILE C 310 19.01 5.03 -15.90
CA ILE C 310 17.78 4.26 -15.72
C ILE C 310 16.59 5.16 -16.03
N ALA C 311 15.77 4.75 -16.98
CA ALA C 311 14.71 5.59 -17.51
C ALA C 311 13.35 5.18 -16.96
N GLU C 312 12.50 6.17 -16.72
CA GLU C 312 11.11 5.94 -16.34
C GLU C 312 10.13 6.82 -17.09
N CYS C 313 10.61 7.71 -17.95
CA CYS C 313 9.74 8.55 -18.77
C CYS C 313 10.54 9.03 -19.97
N LEU C 314 10.13 8.62 -21.17
CA LEU C 314 10.88 8.91 -22.38
C LEU C 314 10.01 9.72 -23.33
N THR C 315 10.65 10.66 -24.04
CA THR C 315 9.95 11.49 -25.00
C THR C 315 10.94 12.04 -26.02
N TYR C 316 10.43 12.33 -27.21
CA TYR C 316 11.21 12.90 -28.30
C TYR C 316 10.71 14.31 -28.55
N LEU C 317 11.59 15.30 -28.38
CA LEU C 317 11.14 16.70 -28.50
C LEU C 317 11.08 17.14 -29.95
N ASP C 318 12.23 17.23 -30.60
CA ASP C 318 12.32 17.69 -31.99
C ASP C 318 13.75 17.64 -32.51
N ASN C 319 13.90 17.51 -33.83
CA ASN C 319 15.17 17.73 -34.52
C ASN C 319 16.27 16.76 -34.08
N GLY C 320 15.94 15.80 -33.22
CA GLY C 320 16.91 14.80 -32.82
C GLY C 320 17.41 14.91 -31.40
N VAL C 321 16.67 15.62 -30.54
CA VAL C 321 17.01 15.71 -29.12
C VAL C 321 15.97 14.91 -28.34
N VAL C 322 16.45 14.15 -27.36
CA VAL C 322 15.60 13.27 -26.58
C VAL C 322 15.81 13.56 -25.09
N PHE C 323 14.69 13.71 -24.39
CA PHE C 323 14.70 13.90 -22.94
C PHE C 323 14.49 12.55 -22.28
N VAL C 324 15.34 12.24 -21.30
CA VAL C 324 15.30 10.96 -20.59
C VAL C 324 15.08 11.27 -19.11
N GLY C 325 13.91 10.90 -18.59
CA GLY C 325 13.65 11.04 -17.17
C GLY C 325 14.27 9.89 -16.37
N SER C 326 14.23 10.05 -15.05
CA SER C 326 14.80 9.04 -14.17
C SER C 326 14.18 9.18 -12.78
N ARG C 327 14.26 8.08 -12.03
CA ARG C 327 13.90 8.08 -10.62
C ARG C 327 15.00 7.55 -9.72
N LEU C 328 15.97 6.81 -10.26
CA LEU C 328 17.08 6.27 -9.49
C LEU C 328 18.39 6.99 -9.77
N GLY C 329 18.38 8.04 -10.55
CA GLY C 329 19.59 8.77 -10.89
C GLY C 329 19.26 10.14 -11.43
N ASP C 330 20.08 10.61 -12.37
CA ASP C 330 19.90 11.92 -12.96
C ASP C 330 19.16 11.81 -14.28
N SER C 331 18.59 12.93 -14.72
CA SER C 331 17.90 13.04 -15.98
C SER C 331 18.76 13.80 -16.97
N GLN C 332 19.01 13.21 -18.12
CA GLN C 332 19.93 13.75 -19.11
C GLN C 332 19.17 14.29 -20.32
N LEU C 333 19.93 14.77 -21.30
CA LEU C 333 19.37 15.27 -22.55
C LEU C 333 20.34 14.89 -23.65
N VAL C 334 19.92 13.98 -24.53
CA VAL C 334 20.82 13.38 -25.51
C VAL C 334 20.42 13.81 -26.91
N LYS C 335 21.35 13.64 -27.84
CA LYS C 335 21.15 13.94 -29.24
C LYS C 335 21.47 12.71 -30.09
N LEU C 336 20.59 12.42 -31.04
CA LEU C 336 20.75 11.26 -31.93
C LEU C 336 21.07 11.78 -33.33
N ASN C 337 22.33 11.63 -33.74
CA ASN C 337 22.76 12.00 -35.07
C ASN C 337 22.86 10.75 -35.94
N VAL C 338 23.26 10.94 -37.19
CA VAL C 338 23.46 9.84 -38.14
C VAL C 338 24.96 9.74 -38.41
N ASP C 339 25.63 8.93 -37.61
CA ASP C 339 27.08 8.72 -37.69
C ASP C 339 27.41 7.56 -36.76
N SER C 340 28.71 7.27 -36.62
CA SER C 340 29.17 6.24 -35.70
C SER C 340 30.49 6.69 -35.09
N ASN C 341 30.46 7.01 -33.80
CA ASN C 341 31.67 7.43 -33.10
C ASN C 341 32.48 6.21 -32.66
N GLU C 342 33.54 6.47 -31.90
CA GLU C 342 34.35 5.40 -31.36
C GLU C 342 33.52 4.53 -30.41
N GLN C 343 33.84 3.25 -30.39
CA GLN C 343 33.18 2.21 -29.59
C GLN C 343 31.77 1.93 -30.07
N GLY C 344 31.35 2.50 -31.19
CA GLY C 344 30.05 2.18 -31.77
C GLY C 344 28.86 2.66 -30.98
N SER C 345 28.66 3.98 -30.92
CA SER C 345 27.50 4.54 -30.25
C SER C 345 26.92 5.66 -31.10
N TYR C 346 25.62 5.88 -30.94
CA TYR C 346 24.90 6.93 -31.68
C TYR C 346 24.36 8.01 -30.77
N VAL C 347 24.73 8.00 -29.48
CA VAL C 347 24.15 8.90 -28.50
C VAL C 347 25.27 9.70 -27.84
N VAL C 348 25.08 11.02 -27.78
CA VAL C 348 25.99 11.90 -27.05
C VAL C 348 25.18 12.61 -25.96
N ALA C 349 25.87 13.30 -25.06
CA ALA C 349 25.21 13.98 -23.96
C ALA C 349 25.66 15.44 -23.90
N MET C 350 24.72 16.32 -23.56
CA MET C 350 25.03 17.73 -23.44
C MET C 350 24.46 18.38 -22.19
N GLU C 351 23.53 17.74 -21.49
CA GLU C 351 22.97 18.30 -20.25
C GLU C 351 22.84 17.20 -19.22
N THR C 352 22.84 17.60 -17.95
CA THR C 352 22.70 16.66 -16.85
C THR C 352 22.06 17.40 -15.68
N PHE C 353 20.84 16.99 -15.31
CA PHE C 353 20.13 17.62 -14.23
C PHE C 353 20.53 17.00 -12.89
N THR C 354 19.96 17.52 -11.80
CA THR C 354 20.28 17.08 -10.46
C THR C 354 19.09 16.36 -9.84
N ASN C 355 19.37 15.27 -9.14
CA ASN C 355 18.32 14.50 -8.49
C ASN C 355 18.92 13.77 -7.30
N LEU C 356 18.38 14.01 -6.10
CA LEU C 356 18.87 13.33 -4.91
C LEU C 356 18.47 11.86 -4.87
N GLY C 357 17.45 11.46 -5.62
CA GLY C 357 17.06 10.08 -5.72
C GLY C 357 16.58 9.50 -4.40
N PRO C 358 16.57 8.18 -4.29
CA PRO C 358 16.17 7.53 -3.04
C PRO C 358 17.22 7.69 -1.96
N ILE C 359 16.93 8.52 -0.95
CA ILE C 359 17.86 8.73 0.16
C ILE C 359 17.72 7.54 1.10
N VAL C 360 18.72 6.67 1.12
CA VAL C 360 18.65 5.47 1.96
C VAL C 360 19.05 5.80 3.39
N ASP C 361 20.23 6.40 3.55
CA ASP C 361 20.72 6.78 4.88
C ASP C 361 21.32 8.17 4.82
N MET C 362 21.35 8.82 5.98
CA MET C 362 21.84 10.18 6.08
C MET C 362 22.52 10.38 7.43
N CYS C 363 23.59 11.16 7.42
CA CYS C 363 24.33 11.46 8.64
C CYS C 363 24.69 12.94 8.67
N VAL C 364 24.89 13.47 9.86
CA VAL C 364 25.20 14.87 10.07
C VAL C 364 26.60 14.96 10.68
N VAL C 365 27.47 15.76 10.05
CA VAL C 365 28.84 15.93 10.52
C VAL C 365 29.26 17.37 10.25
N ASP C 366 30.16 17.86 11.09
CA ASP C 366 30.68 19.22 10.94
C ASP C 366 32.10 19.20 10.40
N GLY C 373 27.40 23.17 9.83
CA GLY C 373 26.70 21.93 9.55
C GLY C 373 26.86 21.46 8.12
N GLN C 374 26.77 20.15 7.92
CA GLN C 374 26.91 19.56 6.60
C GLN C 374 26.21 18.21 6.59
N LEU C 375 25.74 17.81 5.41
CA LEU C 375 25.04 16.55 5.25
C LEU C 375 25.83 15.62 4.32
N VAL C 376 26.00 14.38 4.77
CA VAL C 376 26.53 13.32 3.90
C VAL C 376 25.48 12.22 3.82
N THR C 377 24.98 11.97 2.61
CA THR C 377 23.87 11.06 2.41
C THR C 377 24.17 10.12 1.24
N CYS C 378 23.52 8.96 1.27
CA CYS C 378 23.56 8.03 0.16
C CYS C 378 22.45 8.38 -0.84
N SER C 379 22.60 7.88 -2.07
CA SER C 379 21.64 8.21 -3.10
C SER C 379 21.74 7.20 -4.24
N GLY C 380 20.64 7.02 -4.94
CA GLY C 380 20.61 6.20 -6.13
C GLY C 380 20.66 4.71 -5.84
N ALA C 381 20.69 3.93 -6.92
CA ALA C 381 20.76 2.49 -6.82
C ALA C 381 21.30 1.93 -8.13
N PHE C 382 21.77 0.69 -8.07
CA PHE C 382 22.33 -0.03 -9.22
C PHE C 382 23.52 0.77 -9.75
N LYS C 383 23.62 1.01 -11.06
CA LYS C 383 24.80 1.65 -11.64
C LYS C 383 24.84 3.16 -11.43
N GLU C 384 23.71 3.77 -11.07
CA GLU C 384 23.64 5.23 -10.92
C GLU C 384 23.30 5.56 -9.48
N GLY C 385 24.16 6.33 -8.83
CA GLY C 385 23.91 6.73 -7.45
C GLY C 385 25.14 6.62 -6.58
N SER C 386 25.34 7.61 -5.71
CA SER C 386 26.54 7.66 -4.87
C SER C 386 26.30 8.68 -3.77
N LEU C 387 27.37 8.94 -3.01
CA LEU C 387 27.29 9.89 -1.91
C LEU C 387 27.09 11.31 -2.43
N ARG C 388 26.35 12.10 -1.67
CA ARG C 388 26.15 13.51 -1.97
C ARG C 388 26.44 14.35 -0.73
N ILE C 389 26.98 15.54 -0.95
CA ILE C 389 27.36 16.46 0.12
C ILE C 389 26.49 17.70 -0.02
N ILE C 390 25.50 17.85 0.86
CA ILE C 390 24.61 19.00 0.83
C ILE C 390 25.14 19.98 1.88
N ARG C 391 25.88 20.98 1.42
CA ARG C 391 26.43 22.00 2.29
C ARG C 391 25.42 23.14 2.42
N ASN C 392 25.85 24.25 3.03
CA ASN C 392 24.98 25.40 3.20
C ASN C 392 25.80 26.69 3.28
N LEU C 710 22.15 26.01 -1.59
CA LEU C 710 22.24 24.59 -1.29
C LEU C 710 23.09 23.86 -2.32
N HIS C 711 24.41 24.07 -2.25
CA HIS C 711 25.32 23.41 -3.17
C HIS C 711 25.36 21.91 -2.91
N ILE C 712 25.30 21.12 -3.97
CA ILE C 712 25.29 19.65 -3.88
C ILE C 712 26.53 19.15 -4.59
N ARG C 713 27.38 18.42 -3.87
CA ARG C 713 28.57 17.82 -4.44
C ARG C 713 28.36 16.32 -4.63
N THR C 714 28.74 15.83 -5.81
CA THR C 714 28.56 14.43 -6.18
C THR C 714 29.92 13.75 -6.24
N VAL C 715 30.06 12.66 -5.52
CA VAL C 715 31.26 11.82 -5.56
C VAL C 715 30.85 10.46 -6.10
N PRO C 716 30.98 10.23 -7.40
CA PRO C 716 30.37 9.04 -8.02
C PRO C 716 31.06 7.76 -7.60
N LEU C 717 30.25 6.75 -7.26
CA LEU C 717 30.72 5.38 -7.08
C LEU C 717 29.68 4.47 -7.71
N TYR C 718 30.14 3.43 -8.41
CA TYR C 718 29.25 2.58 -9.20
C TYR C 718 28.82 1.34 -8.39
N GLU C 719 28.02 1.61 -7.36
CA GLU C 719 27.45 0.55 -6.52
C GLU C 719 26.21 1.12 -5.85
N SER C 720 25.58 0.30 -5.01
CA SER C 720 24.37 0.71 -4.30
C SER C 720 24.67 0.86 -2.81
N PRO C 721 24.80 2.07 -2.30
CA PRO C 721 25.08 2.24 -0.86
C PRO C 721 23.90 1.84 0.00
N ARG C 722 24.20 1.46 1.23
CA ARG C 722 23.16 1.02 2.16
C ARG C 722 23.12 1.81 3.45
N LYS C 723 24.28 2.11 4.05
CA LYS C 723 24.33 2.84 5.32
C LYS C 723 25.61 3.66 5.34
N ILE C 724 25.79 4.43 6.42
CA ILE C 724 26.95 5.31 6.54
C ILE C 724 27.13 5.65 8.01
N CYS C 725 28.37 5.98 8.38
CA CYS C 725 28.71 6.40 9.73
C CYS C 725 30.00 7.23 9.66
N TYR C 726 30.47 7.68 10.83
CA TYR C 726 31.61 8.59 10.88
C TYR C 726 32.33 8.46 12.20
N GLN C 727 33.66 8.58 12.15
CA GLN C 727 34.50 8.71 13.33
C GLN C 727 35.26 10.03 13.29
N GLU C 728 35.53 10.56 14.49
CA GLU C 728 36.26 11.81 14.64
C GLU C 728 37.71 11.58 15.05
N VAL C 729 38.18 10.33 15.02
CA VAL C 729 39.55 10.00 15.38
C VAL C 729 40.36 9.49 14.19
N SER C 730 39.72 9.23 13.06
CA SER C 730 40.44 8.77 11.88
C SER C 730 40.09 9.55 10.62
N GLN C 731 39.19 10.53 10.70
CA GLN C 731 38.81 11.38 9.56
C GLN C 731 38.39 10.55 8.36
N CYS C 732 37.64 9.48 8.62
CA CYS C 732 37.16 8.61 7.56
C CYS C 732 35.73 8.18 7.85
N PHE C 733 34.97 7.95 6.79
CA PHE C 733 33.61 7.48 6.91
C PHE C 733 33.58 5.95 6.87
N GLY C 734 32.38 5.38 6.79
CA GLY C 734 32.22 3.96 6.55
C GLY C 734 30.92 3.71 5.80
N VAL C 735 30.99 3.06 4.65
CA VAL C 735 29.84 2.86 3.78
C VAL C 735 29.75 1.40 3.40
N LEU C 736 28.56 0.82 3.51
CA LEU C 736 28.31 -0.54 3.07
C LEU C 736 27.58 -0.51 1.73
N SER C 737 28.15 -1.17 0.74
CA SER C 737 27.63 -1.13 -0.62
C SER C 737 27.33 -2.53 -1.12
N SER C 738 26.64 -2.61 -2.25
CA SER C 738 26.33 -3.86 -2.90
C SER C 738 26.70 -3.77 -4.37
N ARG C 739 27.02 -4.92 -4.97
CA ARG C 739 27.46 -4.97 -6.35
C ARG C 739 26.95 -6.24 -6.98
N ILE C 740 26.27 -6.12 -8.11
CA ILE C 740 25.64 -7.24 -8.79
C ILE C 740 26.57 -7.72 -9.90
N GLU C 741 26.86 -9.02 -9.88
CA GLU C 741 27.68 -9.62 -10.94
C GLU C 741 27.17 -11.04 -11.19
N VAL C 742 26.94 -11.35 -12.47
CA VAL C 742 26.46 -12.67 -12.86
C VAL C 742 27.65 -13.61 -13.06
N GLN C 743 27.39 -14.90 -13.09
CA GLN C 743 28.42 -15.91 -13.31
C GLN C 743 28.21 -16.57 -14.67
N ASP C 744 29.22 -17.34 -15.08
CA ASP C 744 29.18 -18.04 -16.36
C ASP C 744 28.05 -19.09 -16.37
N THR C 749 31.45 -14.93 -12.40
CA THR C 749 31.62 -13.88 -11.41
C THR C 749 32.78 -12.97 -11.78
N THR C 750 32.55 -12.09 -12.75
CA THR C 750 33.60 -11.18 -13.20
C THR C 750 33.09 -9.76 -13.41
N ALA C 751 31.93 -9.42 -12.83
CA ALA C 751 31.34 -8.08 -12.92
C ALA C 751 31.06 -7.68 -14.37
N LEU C 752 30.58 -6.45 -14.56
CA LEU C 752 30.28 -5.92 -15.90
C LEU C 752 31.08 -4.67 -16.21
N ARG C 753 31.13 -3.72 -15.30
CA ARG C 753 31.82 -2.45 -15.48
C ARG C 753 32.73 -2.19 -14.30
N PRO C 754 33.78 -1.39 -14.50
CA PRO C 754 34.67 -1.06 -13.38
C PRO C 754 33.94 -0.25 -12.32
N SER C 755 33.75 -0.83 -11.14
CA SER C 755 33.04 -0.16 -10.05
C SER C 755 34.05 0.41 -9.07
N ALA C 756 33.55 1.05 -8.01
CA ALA C 756 34.39 1.62 -6.96
C ALA C 756 34.61 0.67 -5.80
N SER C 757 33.91 -0.47 -5.78
CA SER C 757 34.12 -1.48 -4.75
C SER C 757 35.30 -2.38 -5.04
N THR C 758 35.83 -2.35 -6.25
CA THR C 758 36.99 -3.14 -6.65
C THR C 758 38.22 -2.32 -6.95
N GLN C 759 38.05 -1.13 -7.50
CA GLN C 759 39.18 -0.29 -7.91
C GLN C 759 39.67 0.56 -6.73
N ALA C 760 40.22 -0.14 -5.75
CA ALA C 760 40.81 0.48 -4.58
C ALA C 760 42.30 0.13 -4.52
N LEU C 761 43.00 0.63 -3.51
CA LEU C 761 44.43 0.36 -3.34
C LEU C 761 44.69 -0.64 -2.21
N SER C 762 43.65 -1.27 -1.70
CA SER C 762 43.79 -2.29 -0.66
C SER C 762 42.51 -3.11 -0.61
N SER C 763 42.66 -4.40 -0.33
CA SER C 763 41.53 -5.30 -0.24
C SER C 763 41.85 -6.42 0.74
N SER C 764 40.81 -7.05 1.27
CA SER C 764 40.99 -8.13 2.24
C SER C 764 39.73 -8.98 2.23
N VAL C 765 39.86 -10.23 1.76
CA VAL C 765 38.74 -11.16 1.77
C VAL C 765 38.58 -11.73 3.17
N SER C 766 37.37 -11.70 3.70
CA SER C 766 37.08 -12.15 5.05
C SER C 766 37.19 -13.66 5.10
N SER C 767 38.26 -14.17 5.69
CA SER C 767 38.44 -15.61 5.87
C SER C 767 37.87 -16.00 7.23
N SER C 768 36.80 -16.80 7.21
CA SER C 768 36.15 -17.20 8.46
C SER C 768 35.62 -18.62 8.27
N LYS C 769 36.35 -19.61 8.78
CA LYS C 769 35.93 -21.01 8.73
C LYS C 769 34.99 -21.24 9.91
N LEU C 770 33.71 -20.93 9.70
CA LEU C 770 32.71 -21.02 10.76
C LEU C 770 31.45 -21.75 10.36
N PHE C 771 31.14 -21.86 9.07
CA PHE C 771 29.88 -22.44 8.62
C PHE C 771 30.11 -23.65 7.72
N PHE C 782 24.35 -21.56 -13.11
CA PHE C 782 24.70 -21.04 -14.43
C PHE C 782 23.71 -19.97 -14.87
N GLY C 783 24.22 -18.79 -15.18
CA GLY C 783 23.40 -17.69 -15.63
C GLY C 783 22.66 -16.95 -14.54
N GLU C 784 22.91 -17.26 -13.28
CA GLU C 784 22.24 -16.58 -12.18
C GLU C 784 22.91 -15.23 -11.91
N GLU C 785 22.27 -14.43 -11.06
CA GLU C 785 22.77 -13.10 -10.69
C GLU C 785 22.97 -13.08 -9.18
N VAL C 786 24.22 -13.25 -8.76
CA VAL C 786 24.57 -13.25 -7.34
C VAL C 786 24.97 -11.83 -6.93
N GLU C 787 24.67 -11.49 -5.68
CA GLU C 787 24.98 -10.17 -5.13
C GLU C 787 26.04 -10.32 -4.05
N VAL C 788 27.04 -9.44 -4.09
CA VAL C 788 28.14 -9.46 -3.13
C VAL C 788 28.17 -8.13 -2.40
N HIS C 789 28.47 -8.19 -1.10
CA HIS C 789 28.51 -7.01 -0.24
C HIS C 789 29.91 -6.84 0.32
N ASN C 790 30.34 -5.58 0.46
CA ASN C 790 31.64 -5.28 1.02
C ASN C 790 31.56 -3.95 1.76
N LEU C 791 32.47 -3.77 2.71
CA LEU C 791 32.58 -2.54 3.48
C LEU C 791 33.84 -1.80 3.02
N LEU C 792 33.67 -0.57 2.58
CA LEU C 792 34.77 0.26 2.13
C LEU C 792 34.87 1.50 3.01
N ILE C 793 36.10 1.95 3.24
CA ILE C 793 36.36 3.09 4.12
C ILE C 793 36.67 4.30 3.25
N ILE C 794 35.95 5.39 3.47
CA ILE C 794 36.08 6.61 2.68
C ILE C 794 36.73 7.66 3.55
N ASP C 795 37.96 8.05 3.21
CA ASP C 795 38.59 9.18 3.87
C ASP C 795 37.86 10.46 3.49
N GLN C 796 37.72 11.36 4.45
CA GLN C 796 37.09 12.65 4.20
C GLN C 796 38.15 13.74 4.29
N HIS C 797 38.92 13.87 3.23
CA HIS C 797 39.71 15.03 2.87
C HIS C 797 39.54 15.39 1.40
N THR C 798 39.48 14.39 0.53
CA THR C 798 39.14 14.57 -0.88
C THR C 798 38.26 13.44 -1.40
N PHE C 799 37.67 12.65 -0.49
CA PHE C 799 36.73 11.57 -0.83
C PHE C 799 37.38 10.53 -1.75
N GLU C 800 38.38 9.86 -1.20
CA GLU C 800 39.03 8.75 -1.87
C GLU C 800 38.48 7.43 -1.33
N VAL C 801 39.03 6.31 -1.79
CA VAL C 801 38.62 4.98 -1.36
C VAL C 801 39.89 4.24 -0.97
N LEU C 802 40.13 4.10 0.33
CA LEU C 802 41.37 3.49 0.79
C LEU C 802 41.27 1.96 0.81
N HIS C 803 40.36 1.42 1.61
CA HIS C 803 40.33 -0.01 1.89
C HIS C 803 38.96 -0.59 1.57
N ALA C 804 38.95 -1.87 1.20
CA ALA C 804 37.73 -2.61 0.93
C ALA C 804 37.81 -3.96 1.62
N HIS C 805 36.66 -4.49 2.05
CA HIS C 805 36.61 -5.75 2.78
C HIS C 805 35.35 -6.50 2.34
N GLN C 806 35.55 -7.52 1.51
CA GLN C 806 34.42 -8.26 0.95
C GLN C 806 34.01 -9.38 1.91
N PHE C 807 32.69 -9.56 2.05
CA PHE C 807 32.13 -10.53 2.97
C PHE C 807 32.10 -11.92 2.33
N LEU C 808 31.41 -12.85 2.98
CA LEU C 808 31.35 -14.23 2.50
C LEU C 808 30.34 -14.35 1.36
N GLN C 809 30.07 -15.58 0.94
CA GLN C 809 29.13 -15.84 -0.14
C GLN C 809 27.70 -15.90 0.40
N ASN C 810 26.79 -15.21 -0.28
CA ASN C 810 25.39 -15.12 0.14
C ASN C 810 25.28 -14.59 1.57
N GLU C 811 25.83 -13.40 1.77
CA GLU C 811 25.83 -12.76 3.09
C GLU C 811 25.58 -11.27 2.89
N TYR C 812 24.47 -10.78 3.44
CA TYR C 812 24.11 -9.37 3.32
C TYR C 812 24.49 -8.61 4.59
N ALA C 813 24.68 -7.30 4.43
CA ALA C 813 24.98 -6.41 5.54
C ALA C 813 23.84 -5.41 5.70
N LEU C 814 23.39 -5.23 6.94
CA LEU C 814 22.21 -4.42 7.20
C LEU C 814 22.39 -3.33 8.25
N SER C 815 23.32 -3.48 9.20
CA SER C 815 23.46 -2.51 10.27
C SER C 815 24.93 -2.30 10.57
N LEU C 816 25.31 -1.03 10.79
CA LEU C 816 26.68 -0.67 11.10
C LEU C 816 26.68 0.51 12.08
N VAL C 817 27.61 0.47 13.02
CA VAL C 817 27.76 1.54 14.01
C VAL C 817 29.21 1.57 14.48
N SER C 818 29.66 2.77 14.85
CA SER C 818 31.01 2.97 15.37
C SER C 818 30.91 3.72 16.69
N CYS C 819 31.55 3.18 17.74
CA CYS C 819 31.43 3.74 19.07
C CYS C 819 32.52 3.15 19.95
N LYS C 820 32.56 3.62 21.20
CA LYS C 820 33.39 3.04 22.24
C LYS C 820 32.63 1.92 22.93
N LEU C 821 33.37 1.11 23.69
CA LEU C 821 32.76 -0.04 24.34
C LEU C 821 33.44 -0.31 25.68
N GLY C 822 32.63 -0.43 26.73
CA GLY C 822 33.13 -0.82 28.03
C GLY C 822 34.21 0.14 28.51
N LYS C 823 35.36 -0.44 28.90
CA LYS C 823 36.53 0.32 29.33
C LYS C 823 37.69 -0.08 28.42
N ASP C 824 37.78 0.57 27.27
CA ASP C 824 38.83 0.31 26.29
C ASP C 824 39.04 1.55 25.43
N PRO C 825 40.18 2.21 25.55
CA PRO C 825 40.40 3.48 24.81
C PRO C 825 40.72 3.27 23.34
N ASN C 826 39.71 2.83 22.59
CA ASN C 826 39.86 2.63 21.15
C ASN C 826 38.47 2.50 20.54
N THR C 827 38.24 3.22 19.44
CA THR C 827 36.97 3.16 18.73
C THR C 827 36.99 2.02 17.73
N TYR C 828 35.89 1.27 17.68
CA TYR C 828 35.77 0.10 16.83
C TYR C 828 34.73 0.33 15.75
N PHE C 829 34.68 -0.59 14.80
CA PHE C 829 33.64 -0.65 13.77
C PHE C 829 32.86 -1.93 13.97
N ILE C 830 31.54 -1.81 14.11
CA ILE C 830 30.67 -2.96 14.34
C ILE C 830 29.66 -3.03 13.21
N VAL C 831 29.54 -4.20 12.60
CA VAL C 831 28.64 -4.43 11.48
C VAL C 831 27.81 -5.68 11.76
N GLY C 832 26.51 -5.59 11.53
CA GLY C 832 25.61 -6.71 11.66
C GLY C 832 25.25 -7.28 10.30
N THR C 833 25.15 -8.61 10.22
CA THR C 833 24.92 -9.28 8.96
C THR C 833 23.95 -10.43 9.15
N ALA C 834 23.48 -10.98 8.03
CA ALA C 834 22.52 -12.08 8.05
C ALA C 834 22.56 -12.78 6.70
N MET C 835 22.78 -14.10 6.71
CA MET C 835 22.80 -14.86 5.47
C MET C 835 21.39 -15.04 4.93
N VAL C 836 21.23 -14.82 3.63
CA VAL C 836 19.94 -14.92 2.96
C VAL C 836 20.03 -16.02 1.91
N TYR C 837 19.11 -16.97 1.97
CA TYR C 837 19.00 -17.99 0.94
C TYR C 837 17.80 -17.69 0.06
N PRO C 838 17.92 -17.81 -1.26
CA PRO C 838 16.84 -17.34 -2.14
C PRO C 838 15.59 -18.19 -2.09
N GLU C 839 15.61 -19.32 -1.40
CA GLU C 839 14.52 -20.29 -1.50
C GLU C 839 13.41 -20.06 -0.48
N GLU C 840 13.75 -20.14 0.81
CA GLU C 840 12.76 -20.31 1.86
C GLU C 840 12.79 -19.17 2.87
N ALA C 841 11.61 -18.60 3.15
CA ALA C 841 11.33 -17.80 4.34
C ALA C 841 12.37 -16.72 4.63
N GLU C 842 12.52 -16.37 5.94
CA GLU C 842 13.37 -15.42 6.63
C GLU C 842 14.65 -16.09 7.11
N PRO C 843 15.74 -15.33 7.27
CA PRO C 843 17.00 -15.93 7.68
C PRO C 843 16.96 -16.45 9.12
N LYS C 844 17.98 -17.22 9.47
CA LYS C 844 18.07 -17.80 10.81
C LYS C 844 19.48 -17.74 11.36
N GLN C 845 20.39 -17.03 10.69
CA GLN C 845 21.78 -16.93 11.15
C GLN C 845 22.27 -15.51 10.93
N GLY C 846 23.33 -15.16 11.64
CA GLY C 846 23.91 -13.83 11.53
C GLY C 846 25.21 -13.75 12.30
N ARG C 847 25.85 -12.59 12.20
CA ARG C 847 27.12 -12.36 12.85
C ARG C 847 27.21 -10.92 13.33
N ILE C 848 28.06 -10.69 14.33
CA ILE C 848 28.23 -9.38 14.94
C ILE C 848 29.69 -8.97 14.83
N VAL C 849 30.32 -9.32 13.71
CA VAL C 849 31.74 -9.08 13.51
C VAL C 849 32.09 -7.62 13.78
N VAL C 850 33.20 -7.40 14.48
CA VAL C 850 33.70 -6.08 14.83
C VAL C 850 35.04 -5.86 14.16
N PHE C 851 35.38 -4.58 13.93
CA PHE C 851 36.57 -4.21 13.17
C PHE C 851 37.32 -3.12 13.91
N GLN C 852 38.55 -2.85 13.44
CA GLN C 852 39.36 -1.76 13.98
C GLN C 852 40.37 -1.34 12.93
N TYR C 853 40.16 -0.17 12.33
CA TYR C 853 41.04 0.39 11.32
C TYR C 853 41.98 1.37 12.02
N SER C 854 43.12 0.86 12.50
CA SER C 854 44.00 1.69 13.32
C SER C 854 45.11 2.35 12.53
N ASP C 855 46.03 1.55 11.96
CA ASP C 855 47.20 2.15 11.31
C ASP C 855 47.05 2.25 9.80
N GLY C 856 46.96 1.11 9.12
CA GLY C 856 46.85 1.11 7.67
C GLY C 856 45.67 0.32 7.16
N LYS C 857 45.21 -0.64 7.95
CA LYS C 857 44.10 -1.50 7.54
C LYS C 857 43.23 -1.84 8.74
N LEU C 858 42.28 -2.76 8.55
CA LEU C 858 41.34 -3.14 9.59
C LEU C 858 41.45 -4.63 9.86
N GLN C 859 41.37 -5.00 11.13
CA GLN C 859 41.47 -6.38 11.57
C GLN C 859 40.15 -6.84 12.16
N THR C 860 40.13 -8.09 12.65
CA THR C 860 38.94 -8.67 13.24
C THR C 860 39.31 -9.28 14.59
N VAL C 861 38.53 -8.96 15.62
CA VAL C 861 38.83 -9.41 16.96
C VAL C 861 37.72 -10.25 17.59
N ALA C 862 36.50 -10.22 17.06
CA ALA C 862 35.41 -11.00 17.63
C ALA C 862 34.30 -11.16 16.60
N GLU C 863 33.67 -12.34 16.59
CA GLU C 863 32.57 -12.61 15.67
C GLU C 863 31.24 -12.83 16.39
N LYS C 864 31.17 -13.78 17.32
CA LYS C 864 29.96 -14.05 18.11
C LYS C 864 28.77 -14.35 17.20
N GLU C 865 28.88 -15.49 16.51
CA GLU C 865 27.81 -15.93 15.62
C GLU C 865 26.50 -16.08 16.38
N VAL C 866 25.41 -15.68 15.74
CA VAL C 866 24.10 -15.61 16.37
C VAL C 866 23.07 -16.25 15.44
N LYS C 867 21.90 -16.56 16.00
CA LYS C 867 20.80 -17.17 15.26
C LYS C 867 19.74 -16.10 14.99
N GLY C 868 19.79 -15.51 13.80
CA GLY C 868 18.82 -14.51 13.43
C GLY C 868 19.38 -13.39 12.58
N ALA C 869 18.52 -12.47 12.14
CA ALA C 869 18.95 -11.35 11.31
C ALA C 869 19.15 -10.11 12.17
N VAL C 870 20.29 -9.44 12.00
CA VAL C 870 20.60 -8.23 12.74
C VAL C 870 20.08 -7.06 11.91
N TYR C 871 18.80 -6.74 12.08
CA TYR C 871 18.19 -5.69 11.28
C TYR C 871 18.75 -4.32 11.65
N SER C 872 18.93 -4.06 12.94
CA SER C 872 19.50 -2.78 13.37
C SER C 872 20.19 -2.97 14.70
N MET C 873 21.07 -2.02 15.03
CA MET C 873 21.80 -2.06 16.28
C MET C 873 22.22 -0.64 16.63
N VAL C 874 22.16 -0.31 17.91
CA VAL C 874 22.42 1.03 18.39
C VAL C 874 23.24 0.95 19.69
N GLU C 875 24.19 1.86 19.84
CA GLU C 875 25.11 1.87 20.96
C GLU C 875 24.40 2.38 22.21
N PHE C 876 24.38 1.55 23.25
CA PHE C 876 23.84 1.93 24.55
C PHE C 876 24.91 2.62 25.39
N ASN C 877 24.69 2.68 26.70
CA ASN C 877 25.57 3.40 27.62
C ASN C 877 26.93 2.72 27.78
N GLY C 878 27.25 1.78 26.88
CA GLY C 878 28.47 1.00 26.97
C GLY C 878 28.22 -0.48 26.80
N LYS C 879 27.07 -0.81 26.22
CA LYS C 879 26.73 -2.19 25.88
C LYS C 879 26.08 -2.22 24.50
N LEU C 880 26.24 -3.34 23.81
CA LEU C 880 25.57 -3.52 22.54
C LEU C 880 24.08 -3.73 22.73
N LEU C 881 23.30 -3.38 21.71
CA LEU C 881 21.85 -3.50 21.75
C LEU C 881 21.37 -3.69 20.32
N ALA C 882 21.09 -4.93 19.94
CA ALA C 882 20.68 -5.28 18.59
C ALA C 882 19.42 -6.13 18.64
N SER C 883 18.48 -5.87 17.74
CA SER C 883 17.24 -6.63 17.65
C SER C 883 17.47 -7.85 16.78
N ILE C 884 17.51 -9.03 17.40
CA ILE C 884 17.89 -10.25 16.68
C ILE C 884 16.58 -10.95 16.31
N ASN C 885 16.08 -10.61 15.13
CA ASN C 885 14.98 -11.32 14.47
C ASN C 885 13.82 -11.60 15.43
N SER C 886 13.19 -10.49 15.87
CA SER C 886 12.09 -10.52 16.83
C SER C 886 12.59 -10.92 18.23
N THR C 887 13.75 -10.41 18.61
CA THR C 887 14.29 -10.62 19.95
C THR C 887 15.32 -9.53 20.21
N VAL C 888 15.13 -8.79 21.29
CA VAL C 888 16.00 -7.67 21.64
C VAL C 888 16.97 -8.16 22.70
N ARG C 889 18.26 -8.09 22.40
CA ARG C 889 19.32 -8.50 23.31
C ARG C 889 20.20 -7.32 23.67
N LEU C 890 20.82 -7.40 24.85
CA LEU C 890 21.75 -6.39 25.32
C LEU C 890 23.07 -7.09 25.64
N TYR C 891 24.07 -6.86 24.79
CA TYR C 891 25.35 -7.56 24.92
C TYR C 891 26.33 -6.72 25.74
N GLU C 892 27.01 -7.39 26.67
CA GLU C 892 28.04 -6.74 27.47
C GLU C 892 29.38 -6.83 26.75
N TRP C 893 30.47 -6.49 27.43
CA TRP C 893 31.80 -6.52 26.83
C TRP C 893 32.81 -6.72 27.95
N THR C 894 33.46 -7.88 27.97
CA THR C 894 34.41 -8.22 29.00
C THR C 894 35.75 -7.52 28.75
N THR C 895 36.76 -7.86 29.53
CA THR C 895 38.09 -7.27 29.39
C THR C 895 38.66 -7.61 28.01
N GLU C 896 38.89 -8.90 27.77
CA GLU C 896 39.30 -9.36 26.45
C GLU C 896 38.11 -9.31 25.50
N LYS C 897 38.38 -9.37 24.21
CA LYS C 897 37.32 -9.27 23.22
C LYS C 897 36.44 -10.51 23.24
N GLU C 898 35.31 -10.44 23.95
CA GLU C 898 34.39 -11.56 24.05
C GLU C 898 33.01 -10.99 24.37
N LEU C 899 32.17 -10.89 23.35
CA LEU C 899 30.84 -10.30 23.51
C LEU C 899 29.91 -11.33 24.15
N ARG C 900 29.23 -10.94 25.22
CA ARG C 900 28.35 -11.83 25.95
C ARG C 900 27.04 -11.14 26.28
N THR C 901 25.94 -11.86 26.11
CA THR C 901 24.61 -11.30 26.32
C THR C 901 24.32 -11.13 27.81
N GLU C 902 23.35 -10.26 28.10
CA GLU C 902 22.96 -10.00 29.48
C GLU C 902 21.45 -10.10 29.71
N CYS C 903 20.63 -9.68 28.77
CA CYS C 903 19.18 -9.62 28.95
C CYS C 903 18.47 -10.25 27.76
N ASN C 904 17.14 -10.34 27.85
CA ASN C 904 16.33 -10.99 26.84
C ASN C 904 14.88 -10.55 26.92
N HIS C 905 14.29 -10.17 25.78
CA HIS C 905 12.95 -9.57 25.75
C HIS C 905 12.12 -10.17 24.61
N TYR C 906 11.99 -11.49 24.57
CA TYR C 906 11.26 -12.09 23.45
C TYR C 906 9.78 -11.75 23.56
N ASN C 907 9.36 -10.64 22.95
CA ASN C 907 7.94 -10.31 22.86
C ASN C 907 7.50 -9.77 21.51
N ASN C 908 8.38 -9.16 20.72
CA ASN C 908 7.99 -8.50 19.49
C ASN C 908 8.02 -9.47 18.32
N ILE C 909 7.47 -9.03 17.19
CA ILE C 909 7.43 -9.81 15.96
C ILE C 909 8.15 -9.00 14.90
N MET C 910 9.40 -9.37 14.60
CA MET C 910 10.21 -8.76 13.54
C MET C 910 10.36 -7.25 13.79
N ALA C 911 11.08 -6.94 14.87
CA ALA C 911 11.34 -5.56 15.27
C ALA C 911 12.61 -5.07 14.58
N LEU C 912 12.45 -4.28 13.51
CA LEU C 912 13.61 -3.83 12.76
C LEU C 912 14.24 -2.58 13.38
N TYR C 913 13.50 -1.48 13.42
CA TYR C 913 14.09 -0.20 13.77
C TYR C 913 14.17 -0.03 15.27
N LEU C 914 15.25 0.62 15.72
CA LEU C 914 15.51 0.74 17.15
C LEU C 914 16.27 2.04 17.38
N LYS C 915 15.78 2.88 18.28
CA LYS C 915 16.42 4.13 18.65
C LYS C 915 16.37 4.33 20.15
N THR C 916 17.32 5.09 20.67
CA THR C 916 17.38 5.40 22.09
C THR C 916 17.85 6.83 22.27
N LYS C 917 17.54 7.40 23.43
CA LYS C 917 17.94 8.76 23.77
C LYS C 917 18.50 8.77 25.19
N GLY C 918 19.79 8.51 25.32
CA GLY C 918 20.49 8.77 26.56
C GLY C 918 20.12 7.83 27.70
N ASP C 919 18.89 7.95 28.17
CA ASP C 919 18.42 7.18 29.32
C ASP C 919 18.04 5.77 28.86
N PHE C 920 17.39 5.02 29.75
CA PHE C 920 17.02 3.63 29.47
C PHE C 920 15.68 3.59 28.75
N ILE C 921 15.68 4.23 27.57
CA ILE C 921 14.48 4.38 26.75
C ILE C 921 14.79 3.86 25.35
N LEU C 922 13.90 3.04 24.81
CA LEU C 922 14.07 2.53 23.45
C LEU C 922 12.69 2.15 22.91
N VAL C 923 12.66 1.68 21.66
CA VAL C 923 11.42 1.54 20.91
C VAL C 923 11.45 0.25 20.10
N GLY C 924 10.37 0.01 19.34
CA GLY C 924 10.22 -1.12 18.45
C GLY C 924 9.27 -0.74 17.33
N ASP C 925 9.07 -1.67 16.39
CA ASP C 925 8.34 -1.33 15.17
C ASP C 925 8.01 -2.59 14.37
N LEU C 926 7.49 -2.36 13.15
CA LEU C 926 7.46 -3.21 11.96
C LEU C 926 6.38 -4.30 11.97
N MET C 927 5.66 -4.51 13.06
CA MET C 927 4.49 -5.37 13.00
C MET C 927 3.35 -4.79 13.81
N ARG C 928 3.53 -3.63 14.42
CA ARG C 928 2.58 -2.99 15.30
C ARG C 928 2.94 -1.52 15.34
N SER C 929 2.39 -0.80 16.29
CA SER C 929 2.82 0.57 16.53
C SER C 929 4.04 0.56 17.43
N VAL C 930 4.46 1.74 17.86
CA VAL C 930 5.67 1.87 18.67
C VAL C 930 5.36 1.52 20.11
N LEU C 931 6.23 0.71 20.73
CA LEU C 931 6.15 0.38 22.14
C LEU C 931 7.39 0.92 22.85
N LEU C 932 7.32 0.98 24.18
CA LEU C 932 8.35 1.62 24.99
C LEU C 932 8.79 0.66 26.09
N LEU C 933 10.10 0.48 26.24
CA LEU C 933 10.68 -0.36 27.27
C LEU C 933 11.61 0.47 28.16
N ALA C 934 11.93 -0.09 29.33
CA ALA C 934 12.84 0.55 30.27
C ALA C 934 13.80 -0.49 30.84
N TYR C 935 15.01 -0.04 31.16
CA TYR C 935 16.05 -0.88 31.72
C TYR C 935 16.24 -0.51 33.18
N LYS C 936 16.20 -1.51 34.06
CA LYS C 936 16.34 -1.28 35.49
C LYS C 936 17.73 -1.68 35.93
N PRO C 937 18.57 -0.73 36.35
CA PRO C 937 19.94 -1.09 36.76
C PRO C 937 20.03 -1.84 38.07
N MET C 938 19.02 -1.74 38.94
CA MET C 938 19.05 -2.45 40.21
C MET C 938 19.04 -3.96 40.03
N GLU C 939 18.46 -4.45 38.94
CA GLU C 939 18.45 -5.88 38.63
C GLU C 939 18.33 -6.02 37.13
N GLY C 940 19.32 -6.64 36.50
CA GLY C 940 19.34 -6.73 35.05
C GLY C 940 18.13 -7.42 34.47
N ASN C 941 17.23 -6.63 33.89
CA ASN C 941 15.99 -7.14 33.30
C ASN C 941 15.27 -6.02 32.56
N PHE C 942 14.56 -6.37 31.50
CA PHE C 942 13.77 -5.38 30.77
C PHE C 942 12.37 -5.30 31.35
N GLU C 943 11.87 -4.07 31.49
CA GLU C 943 10.56 -3.81 32.08
C GLU C 943 9.70 -3.11 31.04
N GLU C 944 8.70 -3.82 30.52
CA GLU C 944 7.75 -3.21 29.59
C GLU C 944 6.96 -2.11 30.29
N ILE C 945 6.80 -0.97 29.63
CA ILE C 945 6.11 0.16 30.23
C ILE C 945 4.78 0.38 29.55
N ALA C 946 4.79 0.61 28.24
CA ALA C 946 3.57 0.93 27.51
C ALA C 946 3.72 0.52 26.06
N ARG C 947 2.70 -0.15 25.53
CA ARG C 947 2.63 -0.52 24.13
C ARG C 947 1.35 0.05 23.53
N ASP C 948 1.46 0.61 22.34
CA ASP C 948 0.33 1.24 21.67
C ASP C 948 -0.32 0.24 20.71
N PHE C 949 -1.65 0.24 20.71
CA PHE C 949 -2.45 -0.64 19.87
C PHE C 949 -2.76 0.06 18.55
N ASN C 950 -3.76 -0.45 17.81
CA ASN C 950 -4.19 -0.02 16.47
C ASN C 950 -3.00 -0.10 15.51
N PRO C 951 -2.63 -1.34 15.11
CA PRO C 951 -1.41 -1.55 14.30
C PRO C 951 -1.21 -0.57 13.16
N ASN C 952 0.05 -0.19 12.95
CA ASN C 952 0.42 0.74 11.87
C ASN C 952 1.80 0.33 11.39
N TRP C 953 1.91 0.00 10.10
CA TRP C 953 3.21 -0.37 9.55
C TRP C 953 4.12 0.84 9.55
N MET C 954 5.34 0.68 10.06
CA MET C 954 6.25 1.78 10.30
C MET C 954 7.37 1.80 9.26
N SER C 955 8.01 2.95 9.14
CA SER C 955 9.13 3.13 8.22
C SER C 955 10.31 3.79 8.90
N ALA C 956 10.07 4.54 9.97
CA ALA C 956 11.13 5.19 10.72
C ALA C 956 10.59 5.69 12.05
N VAL C 957 11.39 5.57 13.10
CA VAL C 957 11.00 5.96 14.46
C VAL C 957 12.08 6.87 15.03
N GLU C 958 11.64 7.93 15.73
CA GLU C 958 12.57 8.85 16.35
C GLU C 958 11.96 9.42 17.62
N ILE C 959 12.80 9.64 18.63
CA ILE C 959 12.37 10.23 19.89
C ILE C 959 12.66 11.72 19.87
N LEU C 960 11.69 12.54 20.27
CA LEU C 960 11.82 13.98 20.08
C LEU C 960 12.44 14.69 21.28
N ASP C 961 11.78 14.72 22.44
CA ASP C 961 12.38 15.30 23.63
C ASP C 961 12.50 14.30 24.77
N ASP C 962 11.39 13.86 25.36
CA ASP C 962 11.44 12.78 26.33
C ASP C 962 10.25 11.85 26.22
N ASP C 963 9.13 12.37 25.72
CA ASP C 963 7.89 11.63 25.69
C ASP C 963 7.23 11.70 24.33
N ASN C 964 7.48 12.79 23.61
CA ASN C 964 6.91 12.98 22.28
C ASN C 964 7.64 12.05 21.32
N PHE C 965 6.95 11.03 20.84
CA PHE C 965 7.53 10.05 19.94
C PHE C 965 7.09 10.32 18.51
N LEU C 966 7.91 9.87 17.57
CA LEU C 966 7.67 10.14 16.16
C LEU C 966 7.67 8.83 15.38
N GLY C 967 6.73 8.71 14.45
CA GLY C 967 6.65 7.55 13.59
C GLY C 967 6.30 7.96 12.18
N ALA C 968 6.43 7.01 11.26
CA ALA C 968 6.19 7.29 9.84
C ALA C 968 5.59 6.04 9.21
N GLU C 969 4.28 6.06 8.98
CA GLU C 969 3.61 4.93 8.36
C GLU C 969 3.94 4.86 6.87
N ASN C 970 3.81 3.66 6.30
CA ASN C 970 4.01 3.47 4.88
C ASN C 970 2.88 4.04 4.03
N ALA C 971 1.77 4.41 4.66
CA ALA C 971 0.65 5.04 3.95
C ALA C 971 0.85 6.53 3.76
N PHE C 972 2.10 7.01 3.84
CA PHE C 972 2.45 8.41 3.59
C PHE C 972 1.82 9.33 4.64
N ASN C 973 1.96 8.96 5.92
CA ASN C 973 1.38 9.71 7.01
C ASN C 973 2.39 9.83 8.14
N LEU C 974 2.10 10.74 9.08
CA LEU C 974 2.93 10.98 10.24
C LEU C 974 2.03 11.04 11.47
N PHE C 975 2.58 10.66 12.62
CA PHE C 975 1.83 10.71 13.86
C PHE C 975 2.78 10.86 15.04
N VAL C 976 2.25 11.36 16.14
CA VAL C 976 3.01 11.60 17.36
C VAL C 976 2.28 10.93 18.53
N CYS C 977 3.03 10.18 19.32
CA CYS C 977 2.48 9.48 20.48
C CYS C 977 2.82 10.23 21.76
N GLN C 978 2.29 9.73 22.87
CA GLN C 978 2.54 10.31 24.18
C GLN C 978 2.30 9.23 25.24
N LYS C 979 2.72 9.51 26.46
CA LYS C 979 2.63 8.55 27.55
C LYS C 979 1.26 8.49 28.20
N ASP C 980 0.37 9.43 27.88
CA ASP C 980 -1.03 9.41 28.32
C ASP C 980 -1.13 9.34 29.85
N SER C 981 -0.69 10.44 30.47
CA SER C 981 -0.68 10.56 31.93
C SER C 981 -2.08 10.37 32.51
N ALA C 982 -2.25 9.31 33.30
CA ALA C 982 -3.50 9.01 33.98
C ALA C 982 -3.17 8.14 35.19
N ALA C 983 -4.21 7.68 35.89
CA ALA C 983 -4.01 6.89 37.11
C ALA C 983 -5.07 5.80 37.15
N THR C 984 -4.75 4.62 36.60
CA THR C 984 -5.61 3.45 36.75
C THR C 984 -4.85 2.17 37.05
N THR C 985 -3.54 2.11 36.85
CA THR C 985 -2.66 0.98 37.17
C THR C 985 -3.00 -0.29 36.37
N ASP C 986 -4.04 -0.24 35.53
CA ASP C 986 -4.35 -1.35 34.63
C ASP C 986 -4.70 -0.92 33.22
N GLU C 987 -5.17 0.31 33.02
CA GLU C 987 -5.42 0.84 31.68
C GLU C 987 -4.70 2.18 31.50
N GLU C 988 -3.95 2.63 32.50
CA GLU C 988 -3.17 3.85 32.42
C GLU C 988 -1.70 3.49 32.53
N ARG C 989 -0.85 4.38 32.00
CA ARG C 989 0.59 4.17 31.90
C ARG C 989 0.95 2.96 31.06
N GLN C 990 -0.03 2.39 30.34
CA GLN C 990 0.22 1.28 29.45
C GLN C 990 -0.37 1.49 28.06
N HIS C 991 -1.00 2.64 27.81
CA HIS C 991 -1.57 2.97 26.52
C HIS C 991 -0.97 4.28 26.05
N LEU C 992 -0.51 4.32 24.80
CA LEU C 992 0.06 5.53 24.23
C LEU C 992 -1.02 6.25 23.43
N GLN C 993 -1.37 7.45 23.89
CA GLN C 993 -2.42 8.22 23.22
C GLN C 993 -1.85 8.91 21.98
N GLU C 994 -2.56 8.79 20.86
CA GLU C 994 -2.19 9.45 19.62
C GLU C 994 -2.71 10.88 19.69
N VAL C 995 -1.78 11.83 19.80
CA VAL C 995 -2.16 13.23 20.00
C VAL C 995 -1.75 14.07 18.79
N GLY C 996 -1.60 13.42 17.64
CA GLY C 996 -1.26 14.13 16.43
C GLY C 996 -1.24 13.26 15.19
N LEU C 997 -1.88 13.73 14.11
CA LEU C 997 -1.91 13.01 12.85
C LEU C 997 -1.59 13.98 11.72
N PHE C 998 -1.00 13.46 10.65
CA PHE C 998 -0.63 14.29 9.52
C PHE C 998 -0.49 13.41 8.28
N HIS C 999 -0.49 14.06 7.12
CA HIS C 999 -0.34 13.39 5.82
C HIS C 999 0.76 14.12 5.06
N LEU C 1000 2.00 13.66 5.23
CA LEU C 1000 3.12 14.25 4.50
C LEU C 1000 2.98 14.03 3.01
N GLY C 1001 2.58 12.82 2.61
CA GLY C 1001 2.50 12.44 1.22
C GLY C 1001 3.76 11.78 0.69
N GLU C 1002 4.85 11.84 1.42
CA GLU C 1002 6.10 11.22 1.01
C GLU C 1002 6.26 9.87 1.72
N PHE C 1003 7.42 9.24 1.51
CA PHE C 1003 7.77 7.99 2.20
C PHE C 1003 9.01 8.29 3.02
N VAL C 1004 8.82 8.59 4.30
CA VAL C 1004 9.94 8.92 5.16
C VAL C 1004 10.81 7.70 5.35
N ASN C 1005 12.13 7.89 5.19
CA ASN C 1005 13.07 6.78 5.20
C ASN C 1005 14.04 6.80 6.37
N VAL C 1006 14.43 7.97 6.88
CA VAL C 1006 15.41 8.04 7.95
C VAL C 1006 15.23 9.36 8.69
N PHE C 1007 15.50 9.34 9.99
CA PHE C 1007 15.52 10.54 10.83
C PHE C 1007 16.93 10.78 11.35
N CYS C 1008 17.20 12.03 11.70
CA CYS C 1008 18.52 12.42 12.21
C CYS C 1008 18.37 13.68 13.05
N HIS C 1009 19.43 14.01 13.78
CA HIS C 1009 19.45 15.17 14.66
C HIS C 1009 20.50 16.14 14.15
N GLY C 1010 20.11 17.41 13.99
CA GLY C 1010 21.03 18.42 13.54
C GLY C 1010 20.28 19.60 12.94
N SER C 1011 21.06 20.52 12.37
CA SER C 1011 20.49 21.72 11.76
C SER C 1011 21.52 22.29 10.79
N LEU C 1012 21.10 22.53 9.54
CA LEU C 1012 22.01 23.09 8.55
C LEU C 1012 22.39 24.52 8.89
N VAL C 1013 21.44 25.33 9.33
CA VAL C 1013 21.71 26.73 9.64
C VAL C 1013 22.44 26.84 10.96
N PRO C 1023 10.74 31.29 17.18
CA PRO C 1023 11.68 30.64 18.10
C PRO C 1023 11.21 29.27 18.54
N THR C 1024 11.77 28.22 17.96
CA THR C 1024 11.41 26.85 18.28
C THR C 1024 12.49 26.22 19.16
N GLN C 1025 12.25 24.97 19.55
CA GLN C 1025 13.17 24.23 20.41
C GLN C 1025 13.35 22.84 19.82
N GLY C 1026 14.50 22.60 19.21
CA GLY C 1026 14.78 21.30 18.61
C GLY C 1026 14.80 21.35 17.10
N SER C 1027 15.39 20.34 16.47
CA SER C 1027 15.47 20.29 15.01
C SER C 1027 15.77 18.86 14.58
N VAL C 1028 14.91 18.31 13.73
CA VAL C 1028 15.07 16.96 13.23
C VAL C 1028 14.86 16.97 11.72
N LEU C 1029 15.82 16.42 10.98
CA LEU C 1029 15.75 16.32 9.53
C LEU C 1029 15.31 14.92 9.12
N PHE C 1030 14.89 14.79 7.86
CA PHE C 1030 14.50 13.49 7.34
C PHE C 1030 14.63 13.50 5.82
N GLY C 1031 14.72 12.30 5.26
CA GLY C 1031 14.80 12.14 3.83
C GLY C 1031 13.68 11.26 3.31
N THR C 1032 13.41 11.39 2.02
CA THR C 1032 12.29 10.71 1.38
C THR C 1032 12.78 9.93 0.18
N VAL C 1033 11.98 8.94 -0.22
CA VAL C 1033 12.32 8.12 -1.40
C VAL C 1033 12.36 8.99 -2.65
N ASN C 1034 11.35 9.85 -2.82
CA ASN C 1034 11.32 10.74 -3.98
C ASN C 1034 12.44 11.77 -3.94
N GLY C 1035 13.00 12.04 -2.78
CA GLY C 1035 14.07 13.00 -2.65
C GLY C 1035 13.59 14.34 -2.14
N MET C 1036 13.76 14.58 -0.84
CA MET C 1036 13.26 15.79 -0.21
C MET C 1036 13.85 15.89 1.18
N ILE C 1037 14.29 17.09 1.56
CA ILE C 1037 14.81 17.37 2.89
C ILE C 1037 13.77 18.20 3.63
N GLY C 1038 13.30 17.69 4.76
CA GLY C 1038 12.38 18.43 5.59
C GLY C 1038 12.99 18.74 6.95
N LEU C 1039 12.19 19.30 7.85
CA LEU C 1039 12.70 19.68 9.17
C LEU C 1039 11.52 19.86 10.10
N VAL C 1040 11.52 19.13 11.21
CA VAL C 1040 10.43 19.15 12.18
C VAL C 1040 10.93 19.87 13.42
N THR C 1041 10.24 20.96 13.78
CA THR C 1041 10.55 21.75 14.97
C THR C 1041 9.39 21.67 15.96
N SER C 1042 9.49 22.43 17.04
CA SER C 1042 8.47 22.42 18.07
C SER C 1042 8.34 23.81 18.70
N LEU C 1043 7.11 24.31 18.75
CA LEU C 1043 6.80 25.58 19.39
C LEU C 1043 5.92 25.32 20.61
N SER C 1044 6.22 26.02 21.71
CA SER C 1044 5.80 25.55 23.03
C SER C 1044 4.30 25.49 23.25
N GLU C 1045 3.63 26.63 23.42
CA GLU C 1045 2.20 26.57 23.70
C GLU C 1045 1.39 27.75 23.17
N SER C 1046 1.99 28.74 22.51
CA SER C 1046 1.27 29.97 22.20
C SER C 1046 1.24 30.32 20.73
N TRP C 1047 2.35 30.15 20.02
CA TRP C 1047 2.35 30.43 18.59
C TRP C 1047 1.48 29.46 17.81
N TYR C 1048 1.13 28.32 18.42
CA TYR C 1048 0.20 27.40 17.78
C TYR C 1048 -1.18 28.00 17.57
N ASN C 1049 -1.73 28.68 18.58
CA ASN C 1049 -3.05 29.28 18.50
C ASN C 1049 -3.07 30.51 17.61
N LEU C 1050 -1.90 31.04 17.25
CA LEU C 1050 -1.81 32.12 16.29
C LEU C 1050 -1.53 31.65 14.87
N LEU C 1051 -0.83 30.52 14.68
CA LEU C 1051 -0.59 29.99 13.35
C LEU C 1051 -1.74 29.16 12.84
N LEU C 1052 -2.39 28.37 13.69
CA LEU C 1052 -3.56 27.62 13.25
C LEU C 1052 -4.73 28.54 12.91
N ASP C 1053 -4.88 29.65 13.62
CA ASP C 1053 -5.90 30.63 13.29
C ASP C 1053 -5.63 31.32 11.96
N MET C 1054 -4.37 31.51 11.59
CA MET C 1054 -4.00 32.06 10.29
C MET C 1054 -4.15 31.04 9.17
N GLN C 1055 -3.88 29.77 9.45
CA GLN C 1055 -3.97 28.74 8.44
C GLN C 1055 -5.38 28.55 7.89
N ASN C 1056 -6.40 28.67 8.74
CA ASN C 1056 -7.78 28.57 8.25
C ASN C 1056 -8.15 29.78 7.40
N ARG C 1057 -7.77 30.98 7.84
CA ARG C 1057 -8.15 32.20 7.13
C ARG C 1057 -7.32 32.43 5.88
N LEU C 1058 -6.18 31.75 5.73
CA LEU C 1058 -5.36 31.89 4.54
C LEU C 1058 -5.88 31.05 3.37
N ASN C 1059 -6.76 30.10 3.63
CA ASN C 1059 -7.28 29.21 2.59
C ASN C 1059 -8.39 29.85 1.77
N LYS C 1060 -8.98 30.94 2.23
CA LYS C 1060 -10.09 31.59 1.55
C LYS C 1060 -9.65 32.76 0.68
N VAL C 1061 -8.35 33.00 0.58
CA VAL C 1061 -7.83 34.09 -0.24
C VAL C 1061 -6.94 33.51 -1.34
N ILE C 1062 -6.34 32.36 -1.05
CA ILE C 1062 -5.49 31.69 -2.02
C ILE C 1062 -6.39 30.88 -2.97
N LYS C 1063 -5.90 30.66 -4.19
CA LYS C 1063 -6.64 29.94 -5.22
C LYS C 1063 -5.90 28.66 -5.55
N SER C 1064 -6.50 27.52 -5.21
CA SER C 1064 -5.90 26.23 -5.55
C SER C 1064 -6.01 25.98 -7.05
N VAL C 1065 -5.03 25.26 -7.58
CA VAL C 1065 -4.99 25.02 -9.02
C VAL C 1065 -6.11 24.08 -9.45
N GLY C 1066 -6.55 23.19 -8.57
CA GLY C 1066 -7.56 22.21 -8.94
C GLY C 1066 -8.74 22.16 -7.99
N LYS C 1067 -9.02 23.28 -7.33
CA LYS C 1067 -10.16 23.40 -6.42
C LYS C 1067 -10.10 22.35 -5.31
N ILE C 1068 -9.03 22.42 -4.51
CA ILE C 1068 -8.87 21.60 -3.32
C ILE C 1068 -8.68 22.51 -2.13
N GLU C 1069 -9.33 22.16 -1.02
CA GLU C 1069 -9.40 23.03 0.15
C GLU C 1069 -8.27 22.80 1.14
N HIS C 1070 -7.28 21.96 0.78
CA HIS C 1070 -6.09 21.72 1.59
C HIS C 1070 -6.42 20.97 2.88
N SER C 1071 -7.69 20.77 3.15
CA SER C 1071 -8.09 19.98 4.31
C SER C 1071 -8.31 18.52 3.94
N PHE C 1072 -8.86 18.26 2.75
CA PHE C 1072 -9.00 16.88 2.29
C PHE C 1072 -7.64 16.25 2.04
N TRP C 1073 -6.69 17.02 1.50
CA TRP C 1073 -5.38 16.48 1.19
C TRP C 1073 -4.60 16.13 2.46
N ARG C 1074 -4.56 17.03 3.42
CA ARG C 1074 -3.73 16.86 4.62
C ARG C 1074 -4.54 16.29 5.78
N SER C 1075 -5.13 15.11 5.60
CA SER C 1075 -5.77 14.46 6.74
C SER C 1075 -5.70 12.94 6.57
N PHE C 1076 -4.61 12.36 7.09
CA PHE C 1076 -4.50 10.96 7.49
C PHE C 1076 -5.35 9.99 6.67
N HIS C 1077 -5.16 9.95 5.37
CA HIS C 1077 -5.98 9.11 4.49
C HIS C 1077 -5.34 7.73 4.39
N THR C 1078 -5.95 6.76 5.06
CA THR C 1078 -5.56 5.37 4.91
C THR C 1078 -6.56 4.65 4.01
N GLU C 1079 -6.38 3.35 3.85
CA GLU C 1079 -7.31 2.57 3.03
C GLU C 1079 -8.70 2.52 3.67
N ARG C 1080 -8.76 2.39 5.00
CA ARG C 1080 -10.02 2.23 5.70
C ARG C 1080 -10.42 3.49 6.48
N LYS C 1081 -9.55 3.97 7.36
CA LYS C 1081 -9.88 5.07 8.25
C LYS C 1081 -9.53 6.42 7.61
N THR C 1082 -10.13 7.48 8.15
CA THR C 1082 -9.87 8.83 7.67
C THR C 1082 -10.28 9.81 8.77
N GLU C 1083 -9.31 10.56 9.30
CA GLU C 1083 -9.56 11.52 10.36
C GLU C 1083 -8.88 12.83 10.05
N PRO C 1084 -9.43 13.95 10.50
CA PRO C 1084 -8.79 15.25 10.29
C PRO C 1084 -7.47 15.33 11.05
N ALA C 1085 -6.55 16.13 10.50
CA ALA C 1085 -5.22 16.26 11.06
C ALA C 1085 -5.22 17.33 12.15
N THR C 1086 -4.89 16.92 13.37
CA THR C 1086 -4.75 17.83 14.50
C THR C 1086 -3.30 17.81 14.96
N GLY C 1087 -2.73 19.00 15.15
CA GLY C 1087 -1.32 19.06 15.50
C GLY C 1087 -0.49 19.86 14.51
N PHE C 1088 0.34 19.15 13.75
CA PHE C 1088 1.30 19.74 12.82
C PHE C 1088 0.71 20.91 12.05
N ILE C 1089 1.49 21.99 11.93
CA ILE C 1089 1.08 23.13 11.13
C ILE C 1089 1.46 22.91 9.67
N ASP C 1090 0.87 23.71 8.79
CA ASP C 1090 0.97 23.51 7.35
C ASP C 1090 2.35 23.84 6.80
N GLY C 1091 3.14 24.64 7.51
CA GLY C 1091 4.48 24.94 7.03
C GLY C 1091 4.53 25.79 5.78
N ASP C 1092 4.81 25.16 4.64
CA ASP C 1092 4.98 25.89 3.38
C ASP C 1092 3.77 26.75 3.05
N LEU C 1093 2.58 26.34 3.48
CA LEU C 1093 1.41 27.18 3.29
C LEU C 1093 1.57 28.51 4.01
N ILE C 1094 2.06 28.48 5.25
CA ILE C 1094 2.34 29.73 5.97
C ILE C 1094 3.48 30.49 5.30
N GLU C 1095 4.53 29.77 4.89
CA GLU C 1095 5.67 30.41 4.25
C GLU C 1095 5.30 31.11 2.95
N SER C 1096 4.24 30.65 2.28
CA SER C 1096 3.78 31.27 1.05
C SER C 1096 3.09 32.62 1.26
N PHE C 1097 2.87 33.01 2.52
CA PHE C 1097 2.18 34.27 2.78
C PHE C 1097 2.97 35.47 2.27
N LEU C 1098 4.29 35.35 2.14
CA LEU C 1098 5.13 36.45 1.69
C LEU C 1098 5.18 36.56 0.16
N ASP C 1099 4.21 35.99 -0.55
CA ASP C 1099 4.19 36.02 -2.00
C ASP C 1099 2.99 36.73 -2.58
N ILE C 1100 1.86 36.76 -1.85
CA ILE C 1100 0.67 37.41 -2.38
C ILE C 1100 0.89 38.92 -2.43
N SER C 1101 0.19 39.58 -3.35
CA SER C 1101 0.38 41.01 -3.58
C SER C 1101 -0.17 41.82 -2.41
N ARG C 1102 0.21 43.10 -2.38
CA ARG C 1102 -0.20 43.99 -1.29
C ARG C 1102 -1.71 44.16 -1.18
N PRO C 1103 -2.48 44.39 -2.26
CA PRO C 1103 -3.92 44.58 -2.07
C PRO C 1103 -4.62 43.40 -1.40
N LYS C 1104 -4.17 42.18 -1.67
CA LYS C 1104 -4.77 41.01 -1.04
C LYS C 1104 -4.29 40.82 0.40
N MET C 1105 -3.31 41.58 0.85
CA MET C 1105 -2.83 41.45 2.23
C MET C 1105 -3.92 41.86 3.22
N GLN C 1106 -4.62 42.96 2.95
CA GLN C 1106 -5.69 43.43 3.83
C GLN C 1106 -6.97 42.67 3.49
N GLU C 1107 -6.90 41.35 3.50
CA GLU C 1107 -8.09 40.50 3.47
C GLU C 1107 -7.96 39.48 4.60
N VAL C 1108 -6.73 39.02 4.80
CA VAL C 1108 -6.40 38.23 5.99
C VAL C 1108 -6.03 39.17 7.12
N VAL C 1109 -5.97 38.61 8.34
CA VAL C 1109 -5.72 39.30 9.60
C VAL C 1109 -6.37 40.68 9.59
N ALA C 1110 -7.70 40.69 9.48
CA ALA C 1110 -8.48 41.91 9.56
C ALA C 1110 -8.89 42.25 10.99
N ASN C 1111 -9.18 41.23 11.79
CA ASN C 1111 -9.50 41.39 13.21
C ASN C 1111 -8.71 40.32 13.97
N LEU C 1112 -7.50 40.68 14.39
CA LEU C 1112 -6.61 39.76 15.10
C LEU C 1112 -6.38 38.48 14.31
N ARG C 1122 -3.10 44.67 21.04
CA ARG C 1122 -3.47 45.48 19.88
C ARG C 1122 -4.45 44.72 18.99
N GLU C 1123 -4.50 45.12 17.72
CA GLU C 1123 -5.36 44.47 16.73
C GLU C 1123 -4.59 43.90 15.56
N ALA C 1124 -3.25 44.01 15.58
CA ALA C 1124 -2.35 43.47 14.56
C ALA C 1124 -2.48 44.22 13.23
N THR C 1125 -1.36 44.38 12.53
CA THR C 1125 -1.33 45.04 11.23
C THR C 1125 -0.52 44.19 10.26
N ALA C 1126 -0.56 44.57 8.99
CA ALA C 1126 0.22 43.86 7.98
C ALA C 1126 1.71 43.99 8.24
N ASP C 1127 2.17 45.20 8.57
CA ASP C 1127 3.58 45.40 8.87
C ASP C 1127 4.00 44.73 10.17
N ASP C 1128 3.16 44.78 11.20
CA ASP C 1128 3.46 44.16 12.48
C ASP C 1128 3.38 42.64 12.46
N LEU C 1129 2.86 42.05 11.37
CA LEU C 1129 2.74 40.60 11.28
C LEU C 1129 3.47 40.04 10.06
N ILE C 1130 4.11 40.88 9.27
CA ILE C 1130 4.96 40.43 8.17
C ILE C 1130 6.36 40.10 8.67
N LYS C 1131 6.60 40.19 9.97
CA LYS C 1131 7.88 39.83 10.57
C LYS C 1131 7.86 38.50 11.29
N VAL C 1132 6.70 38.03 11.74
CA VAL C 1132 6.62 36.70 12.35
C VAL C 1132 6.93 35.63 11.31
N VAL C 1133 6.46 35.79 10.08
CA VAL C 1133 6.80 34.86 9.01
C VAL C 1133 8.31 34.92 8.72
N GLU C 1134 8.90 36.12 8.80
CA GLU C 1134 10.34 36.24 8.60
C GLU C 1134 11.13 35.51 9.66
N GLU C 1135 10.65 35.52 10.91
CA GLU C 1135 11.32 34.79 11.98
C GLU C 1135 11.30 33.29 11.74
N LEU C 1136 10.20 32.74 11.22
CA LEU C 1136 10.13 31.33 10.91
C LEU C 1136 10.85 30.97 9.62
N THR C 1137 11.03 31.92 8.71
CA THR C 1137 11.74 31.64 7.46
C THR C 1137 13.24 31.82 7.62
N ARG C 1138 13.78 31.24 8.69
CA ARG C 1138 15.22 31.08 8.86
C ARG C 1138 15.58 29.75 9.49
N ILE C 1139 14.60 28.89 9.77
CA ILE C 1139 14.87 27.58 10.35
C ILE C 1139 15.53 26.67 9.32
N HIS C 1140 15.02 26.68 8.09
CA HIS C 1140 15.56 25.86 7.02
C HIS C 1140 16.60 26.63 6.22
#